data_1PKR
# 
_entry.id   1PKR 
# 
_audit_conform.dict_name       mmcif_pdbx.dic 
_audit_conform.dict_version    5.397 
_audit_conform.dict_location   http://mmcif.pdb.org/dictionaries/ascii/mmcif_pdbx.dic 
# 
loop_
_database_2.database_id 
_database_2.database_code 
_database_2.pdbx_database_accession 
_database_2.pdbx_DOI 
PDB   1PKR         pdb_00001pkr 10.2210/pdb1pkr/pdb 
WWPDB D_1000175714 ?            ?                   
# 
loop_
_pdbx_audit_revision_history.ordinal 
_pdbx_audit_revision_history.data_content_type 
_pdbx_audit_revision_history.major_revision 
_pdbx_audit_revision_history.minor_revision 
_pdbx_audit_revision_history.revision_date 
1 'Structure model' 1 0 1994-01-31 
2 'Structure model' 1 1 2008-03-24 
3 'Structure model' 1 2 2011-07-13 
4 'Structure model' 1 3 2017-11-29 
5 'Structure model' 1 4 2024-10-30 
# 
_pdbx_audit_revision_details.ordinal             1 
_pdbx_audit_revision_details.revision_ordinal    1 
_pdbx_audit_revision_details.data_content_type   'Structure model' 
_pdbx_audit_revision_details.provider            repository 
_pdbx_audit_revision_details.type                'Initial release' 
_pdbx_audit_revision_details.description         ? 
_pdbx_audit_revision_details.details             ? 
# 
loop_
_pdbx_audit_revision_group.ordinal 
_pdbx_audit_revision_group.revision_ordinal 
_pdbx_audit_revision_group.data_content_type 
_pdbx_audit_revision_group.group 
1 2 'Structure model' 'Version format compliance' 
2 3 'Structure model' 'Version format compliance' 
3 4 'Structure model' 'Derived calculations'      
4 4 'Structure model' Other                       
5 5 'Structure model' 'Data collection'           
6 5 'Structure model' 'Database references'       
7 5 'Structure model' 'Derived calculations'      
8 5 'Structure model' 'Structure summary'         
# 
loop_
_pdbx_audit_revision_category.ordinal 
_pdbx_audit_revision_category.revision_ordinal 
_pdbx_audit_revision_category.data_content_type 
_pdbx_audit_revision_category.category 
1 4 'Structure model' pdbx_database_status      
2 4 'Structure model' struct_conf               
3 4 'Structure model' struct_conf_type          
4 5 'Structure model' chem_comp_atom            
5 5 'Structure model' chem_comp_bond            
6 5 'Structure model' database_2                
7 5 'Structure model' pdbx_entry_details        
8 5 'Structure model' pdbx_modification_feature 
9 5 'Structure model' struct_site               
# 
loop_
_pdbx_audit_revision_item.ordinal 
_pdbx_audit_revision_item.revision_ordinal 
_pdbx_audit_revision_item.data_content_type 
_pdbx_audit_revision_item.item 
1 4 'Structure model' '_pdbx_database_status.process_site'  
2 5 'Structure model' '_database_2.pdbx_DOI'                
3 5 'Structure model' '_database_2.pdbx_database_accession' 
4 5 'Structure model' '_struct_site.pdbx_auth_asym_id'      
5 5 'Structure model' '_struct_site.pdbx_auth_comp_id'      
6 5 'Structure model' '_struct_site.pdbx_auth_seq_id'       
# 
_pdbx_database_status.status_code                     REL 
_pdbx_database_status.entry_id                        1PKR 
_pdbx_database_status.recvd_initial_deposition_date   1993-08-03 
_pdbx_database_status.deposit_site                    ? 
_pdbx_database_status.process_site                    BNL 
_pdbx_database_status.SG_entry                        . 
_pdbx_database_status.pdb_format_compatible           Y 
_pdbx_database_status.status_code_mr                  ? 
_pdbx_database_status.status_code_sf                  ? 
_pdbx_database_status.status_code_cs                  ? 
_pdbx_database_status.methods_development_category    ? 
_pdbx_database_status.status_code_nmr_data            ? 
# 
loop_
_audit_author.name 
_audit_author.pdbx_ordinal 
'Wu, T.-P.'    1 
'Tulinsky, A.' 2 
# 
loop_
_citation.id 
_citation.title 
_citation.journal_abbrev 
_citation.journal_volume 
_citation.page_first 
_citation.page_last 
_citation.year 
_citation.journal_id_ASTM 
_citation.country 
_citation.journal_id_ISSN 
_citation.journal_id_CSD 
_citation.book_publisher 
_citation.pdbx_database_id_PubMed 
_citation.pdbx_database_id_DOI 
primary 'The structure of recombinant plasminogen kringle 1 and the fibrin binding site.' 'Blood Coagulation Fibrinolysis' 5 157 
166 1994 BLFIE7 UK 0957-5235 0796 ? 8054447 ? 
1       
'The Amino Acids of the Recombinant Kringle 1 Domain of Human Plasminogen that Stabilize its Interaction with W-Amino Acids' 
'To be Published'                ? ?   ?   ?    ?      ?  ?         0353 ? ?       ? 
# 
loop_
_citation_author.citation_id 
_citation_author.name 
_citation_author.ordinal 
_citation_author.identifier_ORCID 
primary 'Wu, T.P.'          1 ? 
primary 'Padmanabhan, K.P.' 2 ? 
primary 'Tulinsky, A.'      3 ? 
1       'Hoover, G.J.'      4 ? 
1       'Menhart, N.'       5 ? 
1       'Martin, A.'        6 ? 
1       'Warder, S.'        7 ? 
1       'Castellino, F.J.'  8 ? 
# 
loop_
_entity.id 
_entity.type 
_entity.src_method 
_entity.pdbx_description 
_entity.formula_weight 
_entity.pdbx_number_of_molecules 
_entity.pdbx_ec 
_entity.pdbx_mutation 
_entity.pdbx_fragment 
_entity.details 
1 polymer     man PLASMINOGEN    9408.268 1  ? ? ? ? 
2 non-polymer syn 'CHLORIDE ION' 35.453   2  ? ? ? ? 
3 water       nat water          18.015   71 ? ? ? ? 
# 
_entity_poly.entity_id                      1 
_entity_poly.type                           'polypeptide(L)' 
_entity_poly.nstd_linkage                   no 
_entity_poly.nstd_monomer                   no 
_entity_poly.pdbx_seq_one_letter_code       
;SECKTGNGKNYRGTMSKTKNGITCQKWSSTSPHRPRFSPATHPSEGLEENYCRNPDNDPQGPWCYTTDPEKRYDYCDILE
CD
;
_entity_poly.pdbx_seq_one_letter_code_can   
;SECKTGNGKNYRGTMSKTKNGITCQKWSSTSPHRPRFSPATHPSEGLEENYCRNPDNDPQGPWCYTTDPEKRYDYCDILE
CD
;
_entity_poly.pdbx_strand_id                 A 
_entity_poly.pdbx_target_identifier         ? 
# 
loop_
_pdbx_entity_nonpoly.entity_id 
_pdbx_entity_nonpoly.name 
_pdbx_entity_nonpoly.comp_id 
2 'CHLORIDE ION' CL  
3 water          HOH 
# 
loop_
_entity_poly_seq.entity_id 
_entity_poly_seq.num 
_entity_poly_seq.mon_id 
_entity_poly_seq.hetero 
1 1  SER n 
1 2  GLU n 
1 3  CYS n 
1 4  LYS n 
1 5  THR n 
1 6  GLY n 
1 7  ASN n 
1 8  GLY n 
1 9  LYS n 
1 10 ASN n 
1 11 TYR n 
1 12 ARG n 
1 13 GLY n 
1 14 THR n 
1 15 MET n 
1 16 SER n 
1 17 LYS n 
1 18 THR n 
1 19 LYS n 
1 20 ASN n 
1 21 GLY n 
1 22 ILE n 
1 23 THR n 
1 24 CYS n 
1 25 GLN n 
1 26 LYS n 
1 27 TRP n 
1 28 SER n 
1 29 SER n 
1 30 THR n 
1 31 SER n 
1 32 PRO n 
1 33 HIS n 
1 34 ARG n 
1 35 PRO n 
1 36 ARG n 
1 37 PHE n 
1 38 SER n 
1 39 PRO n 
1 40 ALA n 
1 41 THR n 
1 42 HIS n 
1 43 PRO n 
1 44 SER n 
1 45 GLU n 
1 46 GLY n 
1 47 LEU n 
1 48 GLU n 
1 49 GLU n 
1 50 ASN n 
1 51 TYR n 
1 52 CYS n 
1 53 ARG n 
1 54 ASN n 
1 55 PRO n 
1 56 ASP n 
1 57 ASN n 
1 58 ASP n 
1 59 PRO n 
1 60 GLN n 
1 61 GLY n 
1 62 PRO n 
1 63 TRP n 
1 64 CYS n 
1 65 TYR n 
1 66 THR n 
1 67 THR n 
1 68 ASP n 
1 69 PRO n 
1 70 GLU n 
1 71 LYS n 
1 72 ARG n 
1 73 TYR n 
1 74 ASP n 
1 75 TYR n 
1 76 CYS n 
1 77 ASP n 
1 78 ILE n 
1 79 LEU n 
1 80 GLU n 
1 81 CYS n 
1 82 ASP n 
# 
_entity_src_gen.entity_id                          1 
_entity_src_gen.pdbx_src_id                        1 
_entity_src_gen.pdbx_alt_source_flag               sample 
_entity_src_gen.pdbx_seq_type                      ? 
_entity_src_gen.pdbx_beg_seq_num                   ? 
_entity_src_gen.pdbx_end_seq_num                   ? 
_entity_src_gen.gene_src_common_name               human 
_entity_src_gen.gene_src_genus                     Homo 
_entity_src_gen.pdbx_gene_src_gene                 ? 
_entity_src_gen.gene_src_species                   ? 
_entity_src_gen.gene_src_strain                    ? 
_entity_src_gen.gene_src_tissue                    ? 
_entity_src_gen.gene_src_tissue_fraction           ? 
_entity_src_gen.gene_src_details                   ? 
_entity_src_gen.pdbx_gene_src_fragment             ? 
_entity_src_gen.pdbx_gene_src_scientific_name      'Homo sapiens' 
_entity_src_gen.pdbx_gene_src_ncbi_taxonomy_id     9606 
_entity_src_gen.pdbx_gene_src_variant              ? 
_entity_src_gen.pdbx_gene_src_cell_line            ? 
_entity_src_gen.pdbx_gene_src_atcc                 ? 
_entity_src_gen.pdbx_gene_src_organ                ? 
_entity_src_gen.pdbx_gene_src_organelle            ? 
_entity_src_gen.pdbx_gene_src_cell                 ? 
_entity_src_gen.pdbx_gene_src_cellular_location    ? 
_entity_src_gen.host_org_common_name               ? 
_entity_src_gen.pdbx_host_org_scientific_name      ? 
_entity_src_gen.pdbx_host_org_ncbi_taxonomy_id     ? 
_entity_src_gen.host_org_genus                     ? 
_entity_src_gen.pdbx_host_org_gene                 ? 
_entity_src_gen.pdbx_host_org_organ                ? 
_entity_src_gen.host_org_species                   ? 
_entity_src_gen.pdbx_host_org_tissue               ? 
_entity_src_gen.pdbx_host_org_tissue_fraction      ? 
_entity_src_gen.pdbx_host_org_strain               ? 
_entity_src_gen.pdbx_host_org_variant              ? 
_entity_src_gen.pdbx_host_org_cell_line            ? 
_entity_src_gen.pdbx_host_org_atcc                 ? 
_entity_src_gen.pdbx_host_org_culture_collection   ? 
_entity_src_gen.pdbx_host_org_cell                 ? 
_entity_src_gen.pdbx_host_org_organelle            ? 
_entity_src_gen.pdbx_host_org_cellular_location    ? 
_entity_src_gen.pdbx_host_org_vector_type          ? 
_entity_src_gen.pdbx_host_org_vector               ? 
_entity_src_gen.host_org_details                   ? 
_entity_src_gen.expression_system_id               ? 
_entity_src_gen.plasmid_name                       ? 
_entity_src_gen.plasmid_details                    ? 
_entity_src_gen.pdbx_description                   ? 
# 
loop_
_chem_comp.id 
_chem_comp.type 
_chem_comp.mon_nstd_flag 
_chem_comp.name 
_chem_comp.pdbx_synonyms 
_chem_comp.formula 
_chem_comp.formula_weight 
ALA 'L-peptide linking' y ALANINE         ? 'C3 H7 N O2'     89.093  
ARG 'L-peptide linking' y ARGININE        ? 'C6 H15 N4 O2 1' 175.209 
ASN 'L-peptide linking' y ASPARAGINE      ? 'C4 H8 N2 O3'    132.118 
ASP 'L-peptide linking' y 'ASPARTIC ACID' ? 'C4 H7 N O4'     133.103 
CL  non-polymer         . 'CHLORIDE ION'  ? 'Cl -1'          35.453  
CYS 'L-peptide linking' y CYSTEINE        ? 'C3 H7 N O2 S'   121.158 
GLN 'L-peptide linking' y GLUTAMINE       ? 'C5 H10 N2 O3'   146.144 
GLU 'L-peptide linking' y 'GLUTAMIC ACID' ? 'C5 H9 N O4'     147.129 
GLY 'peptide linking'   y GLYCINE         ? 'C2 H5 N O2'     75.067  
HIS 'L-peptide linking' y HISTIDINE       ? 'C6 H10 N3 O2 1' 156.162 
HOH non-polymer         . WATER           ? 'H2 O'           18.015  
ILE 'L-peptide linking' y ISOLEUCINE      ? 'C6 H13 N O2'    131.173 
LEU 'L-peptide linking' y LEUCINE         ? 'C6 H13 N O2'    131.173 
LYS 'L-peptide linking' y LYSINE          ? 'C6 H15 N2 O2 1' 147.195 
MET 'L-peptide linking' y METHIONINE      ? 'C5 H11 N O2 S'  149.211 
PHE 'L-peptide linking' y PHENYLALANINE   ? 'C9 H11 N O2'    165.189 
PRO 'L-peptide linking' y PROLINE         ? 'C5 H9 N O2'     115.130 
SER 'L-peptide linking' y SERINE          ? 'C3 H7 N O3'     105.093 
THR 'L-peptide linking' y THREONINE       ? 'C4 H9 N O3'     119.119 
TRP 'L-peptide linking' y TRYPTOPHAN      ? 'C11 H12 N2 O2'  204.225 
TYR 'L-peptide linking' y TYROSINE        ? 'C9 H11 N O3'    181.189 
# 
loop_
_pdbx_poly_seq_scheme.asym_id 
_pdbx_poly_seq_scheme.entity_id 
_pdbx_poly_seq_scheme.seq_id 
_pdbx_poly_seq_scheme.mon_id 
_pdbx_poly_seq_scheme.ndb_seq_num 
_pdbx_poly_seq_scheme.pdb_seq_num 
_pdbx_poly_seq_scheme.auth_seq_num 
_pdbx_poly_seq_scheme.pdb_mon_id 
_pdbx_poly_seq_scheme.auth_mon_id 
_pdbx_poly_seq_scheme.pdb_strand_id 
_pdbx_poly_seq_scheme.pdb_ins_code 
_pdbx_poly_seq_scheme.hetero 
A 1 1  SER 1  -1 ?  ?   ?   A . n 
A 1 2  GLU 2  0  0  GLU GLU A . n 
A 1 3  CYS 3  1  1  CYS CYS A . n 
A 1 4  LYS 4  2  2  LYS LYS A . n 
A 1 5  THR 5  3  3  THR THR A . n 
A 1 6  GLY 6  4  4  GLY GLY A . n 
A 1 7  ASN 7  5  5  ASN ASN A . n 
A 1 8  GLY 8  6  6  GLY GLY A . n 
A 1 9  LYS 9  7  7  LYS LYS A . n 
A 1 10 ASN 10 8  8  ASN ASN A . n 
A 1 11 TYR 11 9  9  TYR TYR A . n 
A 1 12 ARG 12 10 10 ARG ARG A . n 
A 1 13 GLY 13 11 11 GLY GLY A . n 
A 1 14 THR 14 12 12 THR THR A . n 
A 1 15 MET 15 13 13 MET MET A . n 
A 1 16 SER 16 14 14 SER SER A . n 
A 1 17 LYS 17 15 15 LYS LYS A . n 
A 1 18 THR 18 16 16 THR THR A . n 
A 1 19 LYS 19 17 17 LYS LYS A . n 
A 1 20 ASN 20 18 18 ASN ASN A . n 
A 1 21 GLY 21 19 19 GLY GLY A . n 
A 1 22 ILE 22 20 20 ILE ILE A . n 
A 1 23 THR 23 21 21 THR THR A . n 
A 1 24 CYS 24 22 22 CYS CYS A . n 
A 1 25 GLN 25 23 23 GLN GLN A . n 
A 1 26 LYS 26 24 24 LYS LYS A . n 
A 1 27 TRP 27 25 25 TRP TRP A . n 
A 1 28 SER 28 26 26 SER SER A . n 
A 1 29 SER 29 27 27 SER SER A . n 
A 1 30 THR 30 28 28 THR THR A . n 
A 1 31 SER 31 29 29 SER SER A . n 
A 1 32 PRO 32 30 30 PRO PRO A . n 
A 1 33 HIS 33 31 31 HIS HIS A . n 
A 1 34 ARG 34 32 32 ARG ARG A . n 
A 1 35 PRO 35 33 33 PRO PRO A . n 
A 1 36 ARG 36 34 34 ARG ARG A . n 
A 1 37 PHE 37 35 35 PHE PHE A . n 
A 1 38 SER 38 37 37 SER SER A . n 
A 1 39 PRO 39 38 38 PRO PRO A . n 
A 1 40 ALA 40 39 39 ALA ALA A . n 
A 1 41 THR 41 40 40 THR THR A . n 
A 1 42 HIS 42 41 41 HIS HIS A . n 
A 1 43 PRO 43 42 42 PRO PRO A . n 
A 1 44 SER 44 43 43 SER SER A . n 
A 1 45 GLU 45 44 44 GLU GLU A . n 
A 1 46 GLY 46 45 45 GLY GLY A . n 
A 1 47 LEU 47 46 46 LEU LEU A . n 
A 1 48 GLU 48 47 47 GLU GLU A . n 
A 1 49 GLU 49 48 48 GLU GLU A . n 
A 1 50 ASN 50 49 49 ASN ASN A . n 
A 1 51 TYR 51 50 50 TYR TYR A . n 
A 1 52 CYS 52 51 51 CYS CYS A . n 
A 1 53 ARG 53 52 52 ARG ARG A . n 
A 1 54 ASN 54 53 53 ASN ASN A . n 
A 1 55 PRO 55 54 54 PRO PRO A . n 
A 1 56 ASP 56 55 55 ASP ASP A . n 
A 1 57 ASN 57 56 56 ASN ASN A . n 
A 1 58 ASP 58 57 57 ASP ASP A . n 
A 1 59 PRO 59 58 58 PRO PRO A . n 
A 1 60 GLN 60 59 59 GLN GLN A . n 
A 1 61 GLY 61 60 60 GLY GLY A . n 
A 1 62 PRO 62 61 61 PRO PRO A . n 
A 1 63 TRP 63 62 62 TRP TRP A . n 
A 1 64 CYS 64 63 63 CYS CYS A . n 
A 1 65 TYR 65 64 64 TYR TYR A . n 
A 1 66 THR 66 65 65 THR THR A . n 
A 1 67 THR 67 66 66 THR THR A . n 
A 1 68 ASP 68 67 67 ASP ASP A . n 
A 1 69 PRO 69 68 68 PRO PRO A . n 
A 1 70 GLU 70 69 69 GLU GLU A . n 
A 1 71 LYS 71 70 70 LYS LYS A . n 
A 1 72 ARG 72 71 71 ARG ARG A . n 
A 1 73 TYR 73 72 72 TYR TYR A . n 
A 1 74 ASP 74 73 73 ASP ASP A . n 
A 1 75 TYR 75 74 74 TYR TYR A . n 
A 1 76 CYS 76 75 75 CYS CYS A . n 
A 1 77 ASP 77 76 76 ASP ASP A . n 
A 1 78 ILE 78 77 77 ILE ILE A . n 
A 1 79 LEU 79 78 78 LEU LEU A . n 
A 1 80 GLU 80 79 79 GLU GLU A . n 
A 1 81 CYS 81 80 80 CYS CYS A . n 
A 1 82 ASP 82 81 ?  ?   ?   A . n 
# 
loop_
_pdbx_nonpoly_scheme.asym_id 
_pdbx_nonpoly_scheme.entity_id 
_pdbx_nonpoly_scheme.mon_id 
_pdbx_nonpoly_scheme.ndb_seq_num 
_pdbx_nonpoly_scheme.pdb_seq_num 
_pdbx_nonpoly_scheme.auth_seq_num 
_pdbx_nonpoly_scheme.pdb_mon_id 
_pdbx_nonpoly_scheme.auth_mon_id 
_pdbx_nonpoly_scheme.pdb_strand_id 
_pdbx_nonpoly_scheme.pdb_ins_code 
B 2 CL  1  90  90  CL  CL  A . 
C 2 CL  1  91  91  CL  CL  A . 
D 3 HOH 1  101 101 HOH HOH A . 
D 3 HOH 2  102 102 HOH HOH A . 
D 3 HOH 3  105 105 HOH HOH A . 
D 3 HOH 4  106 106 HOH HOH A . 
D 3 HOH 5  107 107 HOH HOH A . 
D 3 HOH 6  108 108 HOH HOH A . 
D 3 HOH 7  110 110 HOH HOH A . 
D 3 HOH 8  113 113 HOH HOH A . 
D 3 HOH 9  114 114 HOH HOH A . 
D 3 HOH 10 115 115 HOH HOH A . 
D 3 HOH 11 116 116 HOH HOH A . 
D 3 HOH 12 118 118 HOH HOH A . 
D 3 HOH 13 120 120 HOH HOH A . 
D 3 HOH 14 121 121 HOH HOH A . 
D 3 HOH 15 122 122 HOH HOH A . 
D 3 HOH 16 123 123 HOH HOH A . 
D 3 HOH 17 126 126 HOH HOH A . 
D 3 HOH 18 128 128 HOH HOH A . 
D 3 HOH 19 129 129 HOH HOH A . 
D 3 HOH 20 130 130 HOH HOH A . 
D 3 HOH 21 132 132 HOH HOH A . 
D 3 HOH 22 133 133 HOH HOH A . 
D 3 HOH 23 202 202 HOH HOH A . 
D 3 HOH 24 203 203 HOH HOH A . 
D 3 HOH 25 204 204 HOH HOH A . 
D 3 HOH 26 206 206 HOH HOH A . 
D 3 HOH 27 207 207 HOH HOH A . 
D 3 HOH 28 208 208 HOH HOH A . 
D 3 HOH 29 213 213 HOH HOH A . 
D 3 HOH 30 216 216 HOH HOH A . 
D 3 HOH 31 217 217 HOH HOH A . 
D 3 HOH 32 220 220 HOH HOH A . 
D 3 HOH 33 221 221 HOH HOH A . 
D 3 HOH 34 223 223 HOH HOH A . 
D 3 HOH 35 224 224 HOH HOH A . 
D 3 HOH 36 315 315 HOH HOH A . 
D 3 HOH 37 322 322 HOH HOH A . 
D 3 HOH 38 334 334 HOH HOH A . 
D 3 HOH 39 350 350 HOH HOH A . 
D 3 HOH 40 365 365 HOH HOH A . 
D 3 HOH 41 402 402 HOH HOH A . 
D 3 HOH 42 405 405 HOH HOH A . 
D 3 HOH 43 408 408 HOH HOH A . 
D 3 HOH 44 411 411 HOH HOH A . 
D 3 HOH 45 416 416 HOH HOH A . 
D 3 HOH 46 420 420 HOH HOH A . 
D 3 HOH 47 425 425 HOH HOH A . 
D 3 HOH 48 426 426 HOH HOH A . 
D 3 HOH 49 428 428 HOH HOH A . 
D 3 HOH 50 431 431 HOH HOH A . 
D 3 HOH 51 433 433 HOH HOH A . 
D 3 HOH 52 434 434 HOH HOH A . 
D 3 HOH 53 439 439 HOH HOH A . 
D 3 HOH 54 446 446 HOH HOH A . 
D 3 HOH 55 505 505 HOH HOH A . 
D 3 HOH 56 521 521 HOH HOH A . 
D 3 HOH 57 522 522 HOH HOH A . 
D 3 HOH 58 527 527 HOH HOH A . 
D 3 HOH 59 528 528 HOH HOH A . 
D 3 HOH 60 529 529 HOH HOH A . 
D 3 HOH 61 608 608 HOH HOH A . 
D 3 HOH 62 609 609 HOH HOH A . 
D 3 HOH 63 610 610 HOH HOH A . 
D 3 HOH 64 618 618 HOH HOH A . 
D 3 HOH 65 625 625 HOH HOH A . 
D 3 HOH 66 631 631 HOH HOH A . 
D 3 HOH 67 660 660 HOH HOH A . 
D 3 HOH 68 702 702 HOH HOH A . 
D 3 HOH 69 703 703 HOH HOH A . 
D 3 HOH 70 707 707 HOH HOH A . 
D 3 HOH 71 708 708 HOH HOH A . 
# 
_software.name             PROLSQ 
_software.classification   refinement 
_software.version          . 
_software.citation_id      ? 
_software.pdbx_ordinal     1 
# 
_cell.entry_id           1PKR 
_cell.length_a           58.930 
_cell.length_b           58.930 
_cell.length_c           54.640 
_cell.angle_alpha        90.00 
_cell.angle_beta         90.00 
_cell.angle_gamma        90.00 
_cell.Z_PDB              8 
_cell.pdbx_unique_axis   ? 
# 
_symmetry.entry_id                         1PKR 
_symmetry.space_group_name_H-M             'P 43 21 2' 
_symmetry.pdbx_full_space_group_name_H-M   ? 
_symmetry.cell_setting                     ? 
_symmetry.Int_Tables_number                96 
# 
_exptl.entry_id          1PKR 
_exptl.method            'X-RAY DIFFRACTION' 
_exptl.crystals_number   ? 
# 
_exptl_crystal.id                    1 
_exptl_crystal.density_meas          ? 
_exptl_crystal.density_Matthews      2.52 
_exptl_crystal.density_percent_sol   51.17 
_exptl_crystal.description           ? 
# 
_diffrn.id                     1 
_diffrn.ambient_temp           ? 
_diffrn.ambient_temp_details   ? 
_diffrn.crystal_id             1 
# 
_diffrn_radiation.diffrn_id                        1 
_diffrn_radiation.wavelength_id                    1 
_diffrn_radiation.pdbx_monochromatic_or_laue_m_l   ? 
_diffrn_radiation.monochromator                    ? 
_diffrn_radiation.pdbx_diffrn_protocol             ? 
_diffrn_radiation.pdbx_scattering_type             x-ray 
# 
_diffrn_radiation_wavelength.id           1 
_diffrn_radiation_wavelength.wavelength   . 
_diffrn_radiation_wavelength.wt           1.0 
# 
_refine.entry_id                                 1PKR 
_refine.ls_number_reflns_obs                     ? 
_refine.ls_number_reflns_all                     ? 
_refine.pdbx_ls_sigma_I                          ? 
_refine.pdbx_ls_sigma_F                          ? 
_refine.pdbx_data_cutoff_high_absF               ? 
_refine.pdbx_data_cutoff_low_absF                ? 
_refine.pdbx_data_cutoff_high_rms_absF           ? 
_refine.ls_d_res_low                             ? 
_refine.ls_d_res_high                            2.48 
_refine.ls_percent_reflns_obs                    ? 
_refine.ls_R_factor_obs                          0.159 
_refine.ls_R_factor_all                          ? 
_refine.ls_R_factor_R_work                       ? 
_refine.ls_R_factor_R_free                       ? 
_refine.ls_R_factor_R_free_error                 ? 
_refine.ls_R_factor_R_free_error_details         ? 
_refine.ls_percent_reflns_R_free                 ? 
_refine.ls_number_reflns_R_free                  ? 
_refine.ls_number_parameters                     ? 
_refine.ls_number_restraints                     ? 
_refine.occupancy_min                            ? 
_refine.occupancy_max                            ? 
_refine.B_iso_mean                               ? 
_refine.aniso_B[1][1]                            ? 
_refine.aniso_B[2][2]                            ? 
_refine.aniso_B[3][3]                            ? 
_refine.aniso_B[1][2]                            ? 
_refine.aniso_B[1][3]                            ? 
_refine.aniso_B[2][3]                            ? 
_refine.solvent_model_details                    ? 
_refine.solvent_model_param_ksol                 ? 
_refine.solvent_model_param_bsol                 ? 
_refine.pdbx_ls_cross_valid_method               ? 
_refine.details                                  ? 
_refine.pdbx_starting_model                      ? 
_refine.pdbx_method_to_determine_struct          ? 
_refine.pdbx_isotropic_thermal_model             ? 
_refine.pdbx_stereochemistry_target_values       ? 
_refine.pdbx_stereochem_target_val_spec_case     ? 
_refine.pdbx_R_Free_selection_details            ? 
_refine.pdbx_overall_ESU_R                       ? 
_refine.pdbx_overall_ESU_R_Free                  ? 
_refine.overall_SU_ML                            ? 
_refine.overall_SU_B                             ? 
_refine.pdbx_refine_id                           'X-RAY DIFFRACTION' 
_refine.pdbx_diffrn_id                           1 
_refine.pdbx_TLS_residual_ADP_flag               ? 
_refine.correlation_coeff_Fo_to_Fc               ? 
_refine.correlation_coeff_Fo_to_Fc_free          ? 
_refine.pdbx_solvent_vdw_probe_radii             ? 
_refine.pdbx_solvent_ion_probe_radii             ? 
_refine.pdbx_solvent_shrinkage_radii             ? 
_refine.pdbx_overall_phase_error                 ? 
_refine.overall_SU_R_Cruickshank_DPI             ? 
_refine.pdbx_overall_SU_R_free_Cruickshank_DPI   ? 
_refine.pdbx_overall_SU_R_Blow_DPI               ? 
_refine.pdbx_overall_SU_R_free_Blow_DPI          ? 
# 
_refine_hist.pdbx_refine_id                   'X-RAY DIFFRACTION' 
_refine_hist.cycle_id                         LAST 
_refine_hist.pdbx_number_atoms_protein        642 
_refine_hist.pdbx_number_atoms_nucleic_acid   0 
_refine_hist.pdbx_number_atoms_ligand         2 
_refine_hist.number_atoms_solvent             71 
_refine_hist.number_atoms_total               715 
_refine_hist.d_res_high                       2.48 
_refine_hist.d_res_low                        . 
# 
loop_
_refine_ls_restr.type 
_refine_ls_restr.dev_ideal 
_refine_ls_restr.dev_ideal_target 
_refine_ls_restr.weight 
_refine_ls_restr.number 
_refine_ls_restr.pdbx_refine_id 
_refine_ls_restr.pdbx_restraint_function 
p_bond_d            0.2 ? ? ? 'X-RAY DIFFRACTION' ? 
p_angle_d           6.0 ? ? ? 'X-RAY DIFFRACTION' ? 
p_angle_deg         ?   ? ? ? 'X-RAY DIFFRACTION' ? 
p_planar_d          ?   ? ? ? 'X-RAY DIFFRACTION' ? 
p_hb_or_metal_coord ?   ? ? ? 'X-RAY DIFFRACTION' ? 
p_mcbond_it         ?   ? ? ? 'X-RAY DIFFRACTION' ? 
p_mcangle_it        ?   ? ? ? 'X-RAY DIFFRACTION' ? 
p_scbond_it         ?   ? ? ? 'X-RAY DIFFRACTION' ? 
p_scangle_it        ?   ? ? ? 'X-RAY DIFFRACTION' ? 
p_plane_restr       ?   ? ? ? 'X-RAY DIFFRACTION' ? 
p_chiral_restr      ?   ? ? ? 'X-RAY DIFFRACTION' ? 
p_singtor_nbd       ?   ? ? ? 'X-RAY DIFFRACTION' ? 
p_multtor_nbd       ?   ? ? ? 'X-RAY DIFFRACTION' ? 
p_xhyhbond_nbd      ?   ? ? ? 'X-RAY DIFFRACTION' ? 
p_xyhbond_nbd       ?   ? ? ? 'X-RAY DIFFRACTION' ? 
p_planar_tor        ?   ? ? ? 'X-RAY DIFFRACTION' ? 
p_staggered_tor     ?   ? ? ? 'X-RAY DIFFRACTION' ? 
p_orthonormal_tor   ?   ? ? ? 'X-RAY DIFFRACTION' ? 
p_transverse_tor    ?   ? ? ? 'X-RAY DIFFRACTION' ? 
p_special_tor       ?   ? ? ? 'X-RAY DIFFRACTION' ? 
# 
_struct.entry_id                  1PKR 
_struct.title                     'THE STRUCTURE OF RECOMBINANT PLASMINOGEN KRINGLE 1 AND THE FIBRIN BINDING SITE' 
_struct.pdbx_model_details        ? 
_struct.pdbx_CASP_flag            ? 
_struct.pdbx_model_type_details   ? 
# 
_struct_keywords.entry_id        1PKR 
_struct_keywords.pdbx_keywords   PLASMINOGEN 
_struct_keywords.text            PLASMINOGEN 
# 
loop_
_struct_asym.id 
_struct_asym.pdbx_blank_PDB_chainid_flag 
_struct_asym.pdbx_modified 
_struct_asym.entity_id 
_struct_asym.details 
A N N 1 ? 
B N N 2 ? 
C N N 2 ? 
D N N 3 ? 
# 
_struct_ref.id                         1 
_struct_ref.db_name                    UNP 
_struct_ref.db_code                    PLMN_HUMAN 
_struct_ref.entity_id                  1 
_struct_ref.pdbx_db_accession          P00747 
_struct_ref.pdbx_align_begin           1 
_struct_ref.pdbx_seq_one_letter_code   
;MEHKEVVLLLLLFLKSGQGEPLDDYVNTQGASLFSVTKKQLGAGSIEECAAKCEEDEEFTCRAFQYHSKEQQCVIMAENR
KSSIIIRMRDVVLFEKKVYLSECKTGNGKNYRGTMSKTKNGITCQKWSSTSPHRPRFSPATHPSEGLEENYCRNPDNDPQ
GPWCYTTDPEKRYDYCDILECEEECMHCSGENYDGKISKTMSGLECQAWDSQSPHAHGYIPSKFPNKNLKKNYCRNPDRE
LRPWCFTTDPNKRWELCDIPRCTTPPPSSGPTYQCLKGTGENYRGNVAVTVSGHTCQHWSAQTPHTHNRTPENFPCKNLD
ENYCRNPDGKRAPWCHTTNSQVRWEYCKIPSCDSSPVSTEQLAPTAPPELTPVVQDCYHGDGQSYRGTSSTTTTGKKCQS
WSSMTPHRHQKTPENYPNAGLTMNYCRNPDADKGPWCFTTDPSVRWEYCNLKKCSGTEASVVAPPPVVLLPDVETPSEED
CMFGNGKGYRGKRATTVTGTPCQDWAAQEPHRHSIFTPETNPRAGLEKNYCRNPDGDVGGPWCYTTNPRKLYDYCDVPQC
AAPSFDCGKPQVEPKKCPGRVVGGCVAHPHSWPWQVSLRTRFGMHFCGGTLISPEWVLTAAHCLEKSPRPSSYKVILGAH
QEVNLEPHVQEIEVSRLFLEPTRKDIALLKLSSPAVITDKVIPACLPSPNYVVADRTECFITGWGETQGTFGAGLLKEAQ
LPVIENKVCNRYEFLNGRVQSTELCAGHLAGGTDSCQGDSGGPLVCFEKDKYILQGVTSWGLGCARPNKPGVYVRVSRFV
TWIEGVMRNN
;
_struct_ref.pdbx_db_isoform            ? 
# 
_struct_ref_seq.align_id                      1 
_struct_ref_seq.ref_id                        1 
_struct_ref_seq.pdbx_PDB_id_code              1PKR 
_struct_ref_seq.pdbx_strand_id                A 
_struct_ref_seq.seq_align_beg                 1 
_struct_ref_seq.pdbx_seq_align_beg_ins_code   ? 
_struct_ref_seq.seq_align_end                 81 
_struct_ref_seq.pdbx_seq_align_end_ins_code   ? 
_struct_ref_seq.pdbx_db_accession             P00747 
_struct_ref_seq.db_align_beg                  101 
_struct_ref_seq.pdbx_db_align_beg_ins_code    ? 
_struct_ref_seq.db_align_end                  181 
_struct_ref_seq.pdbx_db_align_end_ins_code    ? 
_struct_ref_seq.pdbx_auth_seq_align_beg       -1 
_struct_ref_seq.pdbx_auth_seq_align_end       80 
# 
_pdbx_struct_assembly.id                   1 
_pdbx_struct_assembly.details              author_defined_assembly 
_pdbx_struct_assembly.method_details       ? 
_pdbx_struct_assembly.oligomeric_details   monomeric 
_pdbx_struct_assembly.oligomeric_count     1 
# 
_pdbx_struct_assembly_gen.assembly_id       1 
_pdbx_struct_assembly_gen.oper_expression   1 
_pdbx_struct_assembly_gen.asym_id_list      A,B,C,D 
# 
_pdbx_struct_oper_list.id                   1 
_pdbx_struct_oper_list.type                 'identity operation' 
_pdbx_struct_oper_list.name                 1_555 
_pdbx_struct_oper_list.symmetry_operation   x,y,z 
_pdbx_struct_oper_list.matrix[1][1]         1.0000000000 
_pdbx_struct_oper_list.matrix[1][2]         0.0000000000 
_pdbx_struct_oper_list.matrix[1][3]         0.0000000000 
_pdbx_struct_oper_list.vector[1]            0.0000000000 
_pdbx_struct_oper_list.matrix[2][1]         0.0000000000 
_pdbx_struct_oper_list.matrix[2][2]         1.0000000000 
_pdbx_struct_oper_list.matrix[2][3]         0.0000000000 
_pdbx_struct_oper_list.vector[2]            0.0000000000 
_pdbx_struct_oper_list.matrix[3][1]         0.0000000000 
_pdbx_struct_oper_list.matrix[3][2]         0.0000000000 
_pdbx_struct_oper_list.matrix[3][3]         1.0000000000 
_pdbx_struct_oper_list.vector[3]            0.0000000000 
# 
_struct_biol.id   1 
# 
_struct_conf.conf_type_id            HELX_P 
_struct_conf.id                      HELX_P1 
_struct_conf.pdbx_PDB_helix_id       1 
_struct_conf.beg_label_comp_id       HIS 
_struct_conf.beg_label_asym_id       A 
_struct_conf.beg_label_seq_id        42 
_struct_conf.pdbx_beg_PDB_ins_code   ? 
_struct_conf.end_label_comp_id       GLY 
_struct_conf.end_label_asym_id       A 
_struct_conf.end_label_seq_id        46 
_struct_conf.pdbx_end_PDB_ins_code   ? 
_struct_conf.beg_auth_comp_id        HIS 
_struct_conf.beg_auth_asym_id        A 
_struct_conf.beg_auth_seq_id         41 
_struct_conf.end_auth_comp_id        GLY 
_struct_conf.end_auth_asym_id        A 
_struct_conf.end_auth_seq_id         45 
_struct_conf.pdbx_PDB_helix_class    5 
_struct_conf.details                 ? 
_struct_conf.pdbx_PDB_helix_length   5 
# 
_struct_conf_type.id          HELX_P 
_struct_conf_type.criteria    ? 
_struct_conf_type.reference   ? 
# 
loop_
_struct_conn.id 
_struct_conn.conn_type_id 
_struct_conn.pdbx_leaving_atom_flag 
_struct_conn.pdbx_PDB_id 
_struct_conn.ptnr1_label_asym_id 
_struct_conn.ptnr1_label_comp_id 
_struct_conn.ptnr1_label_seq_id 
_struct_conn.ptnr1_label_atom_id 
_struct_conn.pdbx_ptnr1_label_alt_id 
_struct_conn.pdbx_ptnr1_PDB_ins_code 
_struct_conn.pdbx_ptnr1_standard_comp_id 
_struct_conn.ptnr1_symmetry 
_struct_conn.ptnr2_label_asym_id 
_struct_conn.ptnr2_label_comp_id 
_struct_conn.ptnr2_label_seq_id 
_struct_conn.ptnr2_label_atom_id 
_struct_conn.pdbx_ptnr2_label_alt_id 
_struct_conn.pdbx_ptnr2_PDB_ins_code 
_struct_conn.ptnr1_auth_asym_id 
_struct_conn.ptnr1_auth_comp_id 
_struct_conn.ptnr1_auth_seq_id 
_struct_conn.ptnr2_auth_asym_id 
_struct_conn.ptnr2_auth_comp_id 
_struct_conn.ptnr2_auth_seq_id 
_struct_conn.ptnr2_symmetry 
_struct_conn.pdbx_ptnr3_label_atom_id 
_struct_conn.pdbx_ptnr3_label_seq_id 
_struct_conn.pdbx_ptnr3_label_comp_id 
_struct_conn.pdbx_ptnr3_label_asym_id 
_struct_conn.pdbx_ptnr3_label_alt_id 
_struct_conn.pdbx_ptnr3_PDB_ins_code 
_struct_conn.details 
_struct_conn.pdbx_dist_value 
_struct_conn.pdbx_value_order 
_struct_conn.pdbx_role 
disulf1 disulf ? ? A CYS 3  SG ? ? ? 1_555 A CYS 81 SG ? ? A CYS 1  A CYS 80 1_555 ? ? ? ? ? ? ? 2.016 ? ? 
disulf2 disulf ? ? A CYS 24 SG ? ? ? 1_555 A CYS 64 SG ? ? A CYS 22 A CYS 63 1_555 ? ? ? ? ? ? ? 2.042 ? ? 
disulf3 disulf ? ? A CYS 52 SG ? ? ? 1_555 A CYS 76 SG ? ? A CYS 51 A CYS 75 1_555 ? ? ? ? ? ? ? 2.036 ? ? 
# 
_struct_conn_type.id          disulf 
_struct_conn_type.criteria    ? 
_struct_conn_type.reference   ? 
# 
loop_
_pdbx_modification_feature.ordinal 
_pdbx_modification_feature.label_comp_id 
_pdbx_modification_feature.label_asym_id 
_pdbx_modification_feature.label_seq_id 
_pdbx_modification_feature.label_alt_id 
_pdbx_modification_feature.modified_residue_label_comp_id 
_pdbx_modification_feature.modified_residue_label_asym_id 
_pdbx_modification_feature.modified_residue_label_seq_id 
_pdbx_modification_feature.modified_residue_label_alt_id 
_pdbx_modification_feature.auth_comp_id 
_pdbx_modification_feature.auth_asym_id 
_pdbx_modification_feature.auth_seq_id 
_pdbx_modification_feature.PDB_ins_code 
_pdbx_modification_feature.symmetry 
_pdbx_modification_feature.modified_residue_auth_comp_id 
_pdbx_modification_feature.modified_residue_auth_asym_id 
_pdbx_modification_feature.modified_residue_auth_seq_id 
_pdbx_modification_feature.modified_residue_PDB_ins_code 
_pdbx_modification_feature.modified_residue_symmetry 
_pdbx_modification_feature.comp_id_linking_atom 
_pdbx_modification_feature.modified_residue_id_linking_atom 
_pdbx_modification_feature.modified_residue_id 
_pdbx_modification_feature.ref_pcm_id 
_pdbx_modification_feature.ref_comp_id 
_pdbx_modification_feature.type 
_pdbx_modification_feature.category 
1 CYS A 3  ? CYS A 81 ? CYS A 1  ? 1_555 CYS A 80 ? 1_555 SG SG . . . None 'Disulfide bridge' 
2 CYS A 24 ? CYS A 64 ? CYS A 22 ? 1_555 CYS A 63 ? 1_555 SG SG . . . None 'Disulfide bridge' 
3 CYS A 52 ? CYS A 76 ? CYS A 51 ? 1_555 CYS A 75 ? 1_555 SG SG . . . None 'Disulfide bridge' 
# 
_struct_mon_prot_cis.pdbx_id                1 
_struct_mon_prot_cis.label_comp_id          SER 
_struct_mon_prot_cis.label_seq_id           31 
_struct_mon_prot_cis.label_asym_id          A 
_struct_mon_prot_cis.label_alt_id           . 
_struct_mon_prot_cis.pdbx_PDB_ins_code      ? 
_struct_mon_prot_cis.auth_comp_id           SER 
_struct_mon_prot_cis.auth_seq_id            29 
_struct_mon_prot_cis.auth_asym_id           A 
_struct_mon_prot_cis.pdbx_label_comp_id_2   PRO 
_struct_mon_prot_cis.pdbx_label_seq_id_2    32 
_struct_mon_prot_cis.pdbx_label_asym_id_2   A 
_struct_mon_prot_cis.pdbx_PDB_ins_code_2    ? 
_struct_mon_prot_cis.pdbx_auth_comp_id_2    PRO 
_struct_mon_prot_cis.pdbx_auth_seq_id_2     30 
_struct_mon_prot_cis.pdbx_auth_asym_id_2    A 
_struct_mon_prot_cis.pdbx_PDB_model_num     1 
_struct_mon_prot_cis.pdbx_omega_angle       1.90 
# 
loop_
_struct_sheet.id 
_struct_sheet.type 
_struct_sheet.number_strands 
_struct_sheet.details 
B1 ? 2 ? 
B2 ? 2 ? 
# 
loop_
_struct_sheet_order.sheet_id 
_struct_sheet_order.range_id_1 
_struct_sheet_order.range_id_2 
_struct_sheet_order.offset 
_struct_sheet_order.sense 
B1 1 2 ? anti-parallel 
B2 1 2 ? anti-parallel 
# 
loop_
_struct_sheet_range.sheet_id 
_struct_sheet_range.id 
_struct_sheet_range.beg_label_comp_id 
_struct_sheet_range.beg_label_asym_id 
_struct_sheet_range.beg_label_seq_id 
_struct_sheet_range.pdbx_beg_PDB_ins_code 
_struct_sheet_range.end_label_comp_id 
_struct_sheet_range.end_label_asym_id 
_struct_sheet_range.end_label_seq_id 
_struct_sheet_range.pdbx_end_PDB_ins_code 
_struct_sheet_range.beg_auth_comp_id 
_struct_sheet_range.beg_auth_asym_id 
_struct_sheet_range.beg_auth_seq_id 
_struct_sheet_range.end_auth_comp_id 
_struct_sheet_range.end_auth_asym_id 
_struct_sheet_range.end_auth_seq_id 
B1 1 SER A 16 ? THR A 18 ? SER A 14 THR A 16 
B1 2 ILE A 22 ? CYS A 24 ? ILE A 20 CYS A 22 
B2 1 GLN A 25 ? TRP A 27 ? GLN A 23 TRP A 25 
B2 2 GLU A 49 ? TYR A 51 ? GLU A 48 TYR A 50 
# 
loop_
_struct_site.id 
_struct_site.pdbx_evidence_code 
_struct_site.pdbx_auth_asym_id 
_struct_site.pdbx_auth_comp_id 
_struct_site.pdbx_auth_seq_id 
_struct_site.pdbx_auth_ins_code 
_struct_site.pdbx_num_residues 
_struct_site.details 
AC1 Software A CL 90 ? 2 'BINDING SITE FOR RESIDUE CL A 90' 
AC2 Software A CL 91 ? 2 'BINDING SITE FOR RESIDUE CL A 91' 
# 
loop_
_struct_site_gen.id 
_struct_site_gen.site_id 
_struct_site_gen.pdbx_num_res 
_struct_site_gen.label_comp_id 
_struct_site_gen.label_asym_id 
_struct_site_gen.label_seq_id 
_struct_site_gen.pdbx_auth_ins_code 
_struct_site_gen.auth_comp_id 
_struct_site_gen.auth_asym_id 
_struct_site_gen.auth_seq_id 
_struct_site_gen.label_atom_id 
_struct_site_gen.label_alt_id 
_struct_site_gen.symmetry 
_struct_site_gen.details 
1 AC1 2 ARG A 34 ? ARG A 32 . ? 1_555 ? 
2 AC1 2 ARG A 72 ? ARG A 71 . ? 1_555 ? 
3 AC2 2 GLY A 21 ? GLY A 19 . ? 4_555 ? 
4 AC2 2 PHE A 37 ? PHE A 35 . ? 1_555 ? 
# 
_pdbx_entry_details.entry_id                   1PKR 
_pdbx_entry_details.compound_details           ? 
_pdbx_entry_details.source_details             ? 
_pdbx_entry_details.nonpolymer_details         ? 
_pdbx_entry_details.sequence_details           ? 
_pdbx_entry_details.has_ligand_of_interest     ? 
_pdbx_entry_details.has_protein_modification   Y 
# 
_pdbx_validate_close_contact.id               1 
_pdbx_validate_close_contact.PDB_model_num    1 
_pdbx_validate_close_contact.auth_atom_id_1   N 
_pdbx_validate_close_contact.auth_asym_id_1   A 
_pdbx_validate_close_contact.auth_comp_id_1   GLU 
_pdbx_validate_close_contact.auth_seq_id_1    0 
_pdbx_validate_close_contact.PDB_ins_code_1   ? 
_pdbx_validate_close_contact.label_alt_id_1   ? 
_pdbx_validate_close_contact.auth_atom_id_2   O 
_pdbx_validate_close_contact.auth_asym_id_2   A 
_pdbx_validate_close_contact.auth_comp_id_2   HOH 
_pdbx_validate_close_contact.auth_seq_id_2    522 
_pdbx_validate_close_contact.PDB_ins_code_2   ? 
_pdbx_validate_close_contact.label_alt_id_2   ? 
_pdbx_validate_close_contact.dist             2.10 
# 
loop_
_pdbx_validate_rmsd_angle.id 
_pdbx_validate_rmsd_angle.PDB_model_num 
_pdbx_validate_rmsd_angle.auth_atom_id_1 
_pdbx_validate_rmsd_angle.auth_asym_id_1 
_pdbx_validate_rmsd_angle.auth_comp_id_1 
_pdbx_validate_rmsd_angle.auth_seq_id_1 
_pdbx_validate_rmsd_angle.PDB_ins_code_1 
_pdbx_validate_rmsd_angle.label_alt_id_1 
_pdbx_validate_rmsd_angle.auth_atom_id_2 
_pdbx_validate_rmsd_angle.auth_asym_id_2 
_pdbx_validate_rmsd_angle.auth_comp_id_2 
_pdbx_validate_rmsd_angle.auth_seq_id_2 
_pdbx_validate_rmsd_angle.PDB_ins_code_2 
_pdbx_validate_rmsd_angle.label_alt_id_2 
_pdbx_validate_rmsd_angle.auth_atom_id_3 
_pdbx_validate_rmsd_angle.auth_asym_id_3 
_pdbx_validate_rmsd_angle.auth_comp_id_3 
_pdbx_validate_rmsd_angle.auth_seq_id_3 
_pdbx_validate_rmsd_angle.PDB_ins_code_3 
_pdbx_validate_rmsd_angle.label_alt_id_3 
_pdbx_validate_rmsd_angle.angle_value 
_pdbx_validate_rmsd_angle.angle_target_value 
_pdbx_validate_rmsd_angle.angle_deviation 
_pdbx_validate_rmsd_angle.angle_standard_deviation 
_pdbx_validate_rmsd_angle.linker_flag 
1  1 N  A GLU 0  ? ? CA A GLU 0  ? ? CB  A GLU 0  ? ? 122.42 110.60 11.82 1.80 N 
2  1 NE A ARG 10 ? ? CZ A ARG 10 ? ? NH1 A ARG 10 ? ? 128.41 120.30 8.11  0.50 N 
3  1 NE A ARG 10 ? ? CZ A ARG 10 ? ? NH2 A ARG 10 ? ? 111.80 120.30 -8.50 0.50 N 
4  1 CD A ARG 32 ? ? NE A ARG 32 ? ? CZ  A ARG 32 ? ? 143.18 123.60 19.58 1.40 N 
5  1 NE A ARG 32 ? ? CZ A ARG 32 ? ? NH1 A ARG 32 ? ? 127.21 120.30 6.91  0.50 N 
6  1 NE A ARG 34 ? ? CZ A ARG 34 ? ? NH2 A ARG 34 ? ? 127.41 120.30 7.11  0.50 N 
7  1 CB A TYR 50 ? ? CG A TYR 50 ? ? CD2 A TYR 50 ? ? 116.18 121.00 -4.82 0.60 N 
8  1 CB A TYR 50 ? ? CG A TYR 50 ? ? CD1 A TYR 50 ? ? 124.80 121.00 3.80  0.60 N 
9  1 NE A ARG 52 ? ? CZ A ARG 52 ? ? NH1 A ARG 52 ? ? 123.98 120.30 3.68  0.50 N 
10 1 CB A ASP 57 ? ? CG A ASP 57 ? ? OD2 A ASP 57 ? ? 126.57 118.30 8.27  0.90 N 
11 1 NE A ARG 71 ? ? CZ A ARG 71 ? ? NH1 A ARG 71 ? ? 125.54 120.30 5.24  0.50 N 
12 1 NE A ARG 71 ? ? CZ A ARG 71 ? ? NH2 A ARG 71 ? ? 113.70 120.30 -6.60 0.50 N 
13 1 CB A ASP 73 ? ? CG A ASP 73 ? ? OD2 A ASP 73 ? ? 111.26 118.30 -7.04 0.90 N 
# 
_pdbx_validate_torsion.id              1 
_pdbx_validate_torsion.PDB_model_num   1 
_pdbx_validate_torsion.auth_comp_id    GLU 
_pdbx_validate_torsion.auth_asym_id    A 
_pdbx_validate_torsion.auth_seq_id     48 
_pdbx_validate_torsion.PDB_ins_code    ? 
_pdbx_validate_torsion.label_alt_id    ? 
_pdbx_validate_torsion.phi             58.57 
_pdbx_validate_torsion.psi             -134.98 
# 
_pdbx_validate_planes.id              1 
_pdbx_validate_planes.PDB_model_num   1 
_pdbx_validate_planes.auth_comp_id    ARG 
_pdbx_validate_planes.auth_asym_id    A 
_pdbx_validate_planes.auth_seq_id     71 
_pdbx_validate_planes.PDB_ins_code    ? 
_pdbx_validate_planes.label_alt_id    ? 
_pdbx_validate_planes.rmsd            0.220 
_pdbx_validate_planes.type            'SIDE CHAIN' 
# 
loop_
_pdbx_unobs_or_zero_occ_residues.id 
_pdbx_unobs_or_zero_occ_residues.PDB_model_num 
_pdbx_unobs_or_zero_occ_residues.polymer_flag 
_pdbx_unobs_or_zero_occ_residues.occupancy_flag 
_pdbx_unobs_or_zero_occ_residues.auth_asym_id 
_pdbx_unobs_or_zero_occ_residues.auth_comp_id 
_pdbx_unobs_or_zero_occ_residues.auth_seq_id 
_pdbx_unobs_or_zero_occ_residues.PDB_ins_code 
_pdbx_unobs_or_zero_occ_residues.label_asym_id 
_pdbx_unobs_or_zero_occ_residues.label_comp_id 
_pdbx_unobs_or_zero_occ_residues.label_seq_id 
1 1 Y 1 A SER -1 ? A SER 1  
2 1 Y 1 A ASP 81 ? A ASP 82 
# 
loop_
_chem_comp_atom.comp_id 
_chem_comp_atom.atom_id 
_chem_comp_atom.type_symbol 
_chem_comp_atom.pdbx_aromatic_flag 
_chem_comp_atom.pdbx_stereo_config 
_chem_comp_atom.pdbx_ordinal 
ALA N    N  N N 1   
ALA CA   C  N S 2   
ALA C    C  N N 3   
ALA O    O  N N 4   
ALA CB   C  N N 5   
ALA OXT  O  N N 6   
ALA H    H  N N 7   
ALA H2   H  N N 8   
ALA HA   H  N N 9   
ALA HB1  H  N N 10  
ALA HB2  H  N N 11  
ALA HB3  H  N N 12  
ALA HXT  H  N N 13  
ARG N    N  N N 14  
ARG CA   C  N S 15  
ARG C    C  N N 16  
ARG O    O  N N 17  
ARG CB   C  N N 18  
ARG CG   C  N N 19  
ARG CD   C  N N 20  
ARG NE   N  N N 21  
ARG CZ   C  N N 22  
ARG NH1  N  N N 23  
ARG NH2  N  N N 24  
ARG OXT  O  N N 25  
ARG H    H  N N 26  
ARG H2   H  N N 27  
ARG HA   H  N N 28  
ARG HB2  H  N N 29  
ARG HB3  H  N N 30  
ARG HG2  H  N N 31  
ARG HG3  H  N N 32  
ARG HD2  H  N N 33  
ARG HD3  H  N N 34  
ARG HE   H  N N 35  
ARG HH11 H  N N 36  
ARG HH12 H  N N 37  
ARG HH21 H  N N 38  
ARG HH22 H  N N 39  
ARG HXT  H  N N 40  
ASN N    N  N N 41  
ASN CA   C  N S 42  
ASN C    C  N N 43  
ASN O    O  N N 44  
ASN CB   C  N N 45  
ASN CG   C  N N 46  
ASN OD1  O  N N 47  
ASN ND2  N  N N 48  
ASN OXT  O  N N 49  
ASN H    H  N N 50  
ASN H2   H  N N 51  
ASN HA   H  N N 52  
ASN HB2  H  N N 53  
ASN HB3  H  N N 54  
ASN HD21 H  N N 55  
ASN HD22 H  N N 56  
ASN HXT  H  N N 57  
ASP N    N  N N 58  
ASP CA   C  N S 59  
ASP C    C  N N 60  
ASP O    O  N N 61  
ASP CB   C  N N 62  
ASP CG   C  N N 63  
ASP OD1  O  N N 64  
ASP OD2  O  N N 65  
ASP OXT  O  N N 66  
ASP H    H  N N 67  
ASP H2   H  N N 68  
ASP HA   H  N N 69  
ASP HB2  H  N N 70  
ASP HB3  H  N N 71  
ASP HD2  H  N N 72  
ASP HXT  H  N N 73  
CL  CL   CL N N 74  
CYS N    N  N N 75  
CYS CA   C  N R 76  
CYS C    C  N N 77  
CYS O    O  N N 78  
CYS CB   C  N N 79  
CYS SG   S  N N 80  
CYS OXT  O  N N 81  
CYS H    H  N N 82  
CYS H2   H  N N 83  
CYS HA   H  N N 84  
CYS HB2  H  N N 85  
CYS HB3  H  N N 86  
CYS HG   H  N N 87  
CYS HXT  H  N N 88  
GLN N    N  N N 89  
GLN CA   C  N S 90  
GLN C    C  N N 91  
GLN O    O  N N 92  
GLN CB   C  N N 93  
GLN CG   C  N N 94  
GLN CD   C  N N 95  
GLN OE1  O  N N 96  
GLN NE2  N  N N 97  
GLN OXT  O  N N 98  
GLN H    H  N N 99  
GLN H2   H  N N 100 
GLN HA   H  N N 101 
GLN HB2  H  N N 102 
GLN HB3  H  N N 103 
GLN HG2  H  N N 104 
GLN HG3  H  N N 105 
GLN HE21 H  N N 106 
GLN HE22 H  N N 107 
GLN HXT  H  N N 108 
GLU N    N  N N 109 
GLU CA   C  N S 110 
GLU C    C  N N 111 
GLU O    O  N N 112 
GLU CB   C  N N 113 
GLU CG   C  N N 114 
GLU CD   C  N N 115 
GLU OE1  O  N N 116 
GLU OE2  O  N N 117 
GLU OXT  O  N N 118 
GLU H    H  N N 119 
GLU H2   H  N N 120 
GLU HA   H  N N 121 
GLU HB2  H  N N 122 
GLU HB3  H  N N 123 
GLU HG2  H  N N 124 
GLU HG3  H  N N 125 
GLU HE2  H  N N 126 
GLU HXT  H  N N 127 
GLY N    N  N N 128 
GLY CA   C  N N 129 
GLY C    C  N N 130 
GLY O    O  N N 131 
GLY OXT  O  N N 132 
GLY H    H  N N 133 
GLY H2   H  N N 134 
GLY HA2  H  N N 135 
GLY HA3  H  N N 136 
GLY HXT  H  N N 137 
HIS N    N  N N 138 
HIS CA   C  N S 139 
HIS C    C  N N 140 
HIS O    O  N N 141 
HIS CB   C  N N 142 
HIS CG   C  Y N 143 
HIS ND1  N  Y N 144 
HIS CD2  C  Y N 145 
HIS CE1  C  Y N 146 
HIS NE2  N  Y N 147 
HIS OXT  O  N N 148 
HIS H    H  N N 149 
HIS H2   H  N N 150 
HIS HA   H  N N 151 
HIS HB2  H  N N 152 
HIS HB3  H  N N 153 
HIS HD1  H  N N 154 
HIS HD2  H  N N 155 
HIS HE1  H  N N 156 
HIS HE2  H  N N 157 
HIS HXT  H  N N 158 
HOH O    O  N N 159 
HOH H1   H  N N 160 
HOH H2   H  N N 161 
ILE N    N  N N 162 
ILE CA   C  N S 163 
ILE C    C  N N 164 
ILE O    O  N N 165 
ILE CB   C  N S 166 
ILE CG1  C  N N 167 
ILE CG2  C  N N 168 
ILE CD1  C  N N 169 
ILE OXT  O  N N 170 
ILE H    H  N N 171 
ILE H2   H  N N 172 
ILE HA   H  N N 173 
ILE HB   H  N N 174 
ILE HG12 H  N N 175 
ILE HG13 H  N N 176 
ILE HG21 H  N N 177 
ILE HG22 H  N N 178 
ILE HG23 H  N N 179 
ILE HD11 H  N N 180 
ILE HD12 H  N N 181 
ILE HD13 H  N N 182 
ILE HXT  H  N N 183 
LEU N    N  N N 184 
LEU CA   C  N S 185 
LEU C    C  N N 186 
LEU O    O  N N 187 
LEU CB   C  N N 188 
LEU CG   C  N N 189 
LEU CD1  C  N N 190 
LEU CD2  C  N N 191 
LEU OXT  O  N N 192 
LEU H    H  N N 193 
LEU H2   H  N N 194 
LEU HA   H  N N 195 
LEU HB2  H  N N 196 
LEU HB3  H  N N 197 
LEU HG   H  N N 198 
LEU HD11 H  N N 199 
LEU HD12 H  N N 200 
LEU HD13 H  N N 201 
LEU HD21 H  N N 202 
LEU HD22 H  N N 203 
LEU HD23 H  N N 204 
LEU HXT  H  N N 205 
LYS N    N  N N 206 
LYS CA   C  N S 207 
LYS C    C  N N 208 
LYS O    O  N N 209 
LYS CB   C  N N 210 
LYS CG   C  N N 211 
LYS CD   C  N N 212 
LYS CE   C  N N 213 
LYS NZ   N  N N 214 
LYS OXT  O  N N 215 
LYS H    H  N N 216 
LYS H2   H  N N 217 
LYS HA   H  N N 218 
LYS HB2  H  N N 219 
LYS HB3  H  N N 220 
LYS HG2  H  N N 221 
LYS HG3  H  N N 222 
LYS HD2  H  N N 223 
LYS HD3  H  N N 224 
LYS HE2  H  N N 225 
LYS HE3  H  N N 226 
LYS HZ1  H  N N 227 
LYS HZ2  H  N N 228 
LYS HZ3  H  N N 229 
LYS HXT  H  N N 230 
MET N    N  N N 231 
MET CA   C  N S 232 
MET C    C  N N 233 
MET O    O  N N 234 
MET CB   C  N N 235 
MET CG   C  N N 236 
MET SD   S  N N 237 
MET CE   C  N N 238 
MET OXT  O  N N 239 
MET H    H  N N 240 
MET H2   H  N N 241 
MET HA   H  N N 242 
MET HB2  H  N N 243 
MET HB3  H  N N 244 
MET HG2  H  N N 245 
MET HG3  H  N N 246 
MET HE1  H  N N 247 
MET HE2  H  N N 248 
MET HE3  H  N N 249 
MET HXT  H  N N 250 
PHE N    N  N N 251 
PHE CA   C  N S 252 
PHE C    C  N N 253 
PHE O    O  N N 254 
PHE CB   C  N N 255 
PHE CG   C  Y N 256 
PHE CD1  C  Y N 257 
PHE CD2  C  Y N 258 
PHE CE1  C  Y N 259 
PHE CE2  C  Y N 260 
PHE CZ   C  Y N 261 
PHE OXT  O  N N 262 
PHE H    H  N N 263 
PHE H2   H  N N 264 
PHE HA   H  N N 265 
PHE HB2  H  N N 266 
PHE HB3  H  N N 267 
PHE HD1  H  N N 268 
PHE HD2  H  N N 269 
PHE HE1  H  N N 270 
PHE HE2  H  N N 271 
PHE HZ   H  N N 272 
PHE HXT  H  N N 273 
PRO N    N  N N 274 
PRO CA   C  N S 275 
PRO C    C  N N 276 
PRO O    O  N N 277 
PRO CB   C  N N 278 
PRO CG   C  N N 279 
PRO CD   C  N N 280 
PRO OXT  O  N N 281 
PRO H    H  N N 282 
PRO HA   H  N N 283 
PRO HB2  H  N N 284 
PRO HB3  H  N N 285 
PRO HG2  H  N N 286 
PRO HG3  H  N N 287 
PRO HD2  H  N N 288 
PRO HD3  H  N N 289 
PRO HXT  H  N N 290 
SER N    N  N N 291 
SER CA   C  N S 292 
SER C    C  N N 293 
SER O    O  N N 294 
SER CB   C  N N 295 
SER OG   O  N N 296 
SER OXT  O  N N 297 
SER H    H  N N 298 
SER H2   H  N N 299 
SER HA   H  N N 300 
SER HB2  H  N N 301 
SER HB3  H  N N 302 
SER HG   H  N N 303 
SER HXT  H  N N 304 
THR N    N  N N 305 
THR CA   C  N S 306 
THR C    C  N N 307 
THR O    O  N N 308 
THR CB   C  N R 309 
THR OG1  O  N N 310 
THR CG2  C  N N 311 
THR OXT  O  N N 312 
THR H    H  N N 313 
THR H2   H  N N 314 
THR HA   H  N N 315 
THR HB   H  N N 316 
THR HG1  H  N N 317 
THR HG21 H  N N 318 
THR HG22 H  N N 319 
THR HG23 H  N N 320 
THR HXT  H  N N 321 
TRP N    N  N N 322 
TRP CA   C  N S 323 
TRP C    C  N N 324 
TRP O    O  N N 325 
TRP CB   C  N N 326 
TRP CG   C  Y N 327 
TRP CD1  C  Y N 328 
TRP CD2  C  Y N 329 
TRP NE1  N  Y N 330 
TRP CE2  C  Y N 331 
TRP CE3  C  Y N 332 
TRP CZ2  C  Y N 333 
TRP CZ3  C  Y N 334 
TRP CH2  C  Y N 335 
TRP OXT  O  N N 336 
TRP H    H  N N 337 
TRP H2   H  N N 338 
TRP HA   H  N N 339 
TRP HB2  H  N N 340 
TRP HB3  H  N N 341 
TRP HD1  H  N N 342 
TRP HE1  H  N N 343 
TRP HE3  H  N N 344 
TRP HZ2  H  N N 345 
TRP HZ3  H  N N 346 
TRP HH2  H  N N 347 
TRP HXT  H  N N 348 
TYR N    N  N N 349 
TYR CA   C  N S 350 
TYR C    C  N N 351 
TYR O    O  N N 352 
TYR CB   C  N N 353 
TYR CG   C  Y N 354 
TYR CD1  C  Y N 355 
TYR CD2  C  Y N 356 
TYR CE1  C  Y N 357 
TYR CE2  C  Y N 358 
TYR CZ   C  Y N 359 
TYR OH   O  N N 360 
TYR OXT  O  N N 361 
TYR H    H  N N 362 
TYR H2   H  N N 363 
TYR HA   H  N N 364 
TYR HB2  H  N N 365 
TYR HB3  H  N N 366 
TYR HD1  H  N N 367 
TYR HD2  H  N N 368 
TYR HE1  H  N N 369 
TYR HE2  H  N N 370 
TYR HH   H  N N 371 
TYR HXT  H  N N 372 
# 
loop_
_chem_comp_bond.comp_id 
_chem_comp_bond.atom_id_1 
_chem_comp_bond.atom_id_2 
_chem_comp_bond.value_order 
_chem_comp_bond.pdbx_aromatic_flag 
_chem_comp_bond.pdbx_stereo_config 
_chem_comp_bond.pdbx_ordinal 
ALA N   CA   sing N N 1   
ALA N   H    sing N N 2   
ALA N   H2   sing N N 3   
ALA CA  C    sing N N 4   
ALA CA  CB   sing N N 5   
ALA CA  HA   sing N N 6   
ALA C   O    doub N N 7   
ALA C   OXT  sing N N 8   
ALA CB  HB1  sing N N 9   
ALA CB  HB2  sing N N 10  
ALA CB  HB3  sing N N 11  
ALA OXT HXT  sing N N 12  
ARG N   CA   sing N N 13  
ARG N   H    sing N N 14  
ARG N   H2   sing N N 15  
ARG CA  C    sing N N 16  
ARG CA  CB   sing N N 17  
ARG CA  HA   sing N N 18  
ARG C   O    doub N N 19  
ARG C   OXT  sing N N 20  
ARG CB  CG   sing N N 21  
ARG CB  HB2  sing N N 22  
ARG CB  HB3  sing N N 23  
ARG CG  CD   sing N N 24  
ARG CG  HG2  sing N N 25  
ARG CG  HG3  sing N N 26  
ARG CD  NE   sing N N 27  
ARG CD  HD2  sing N N 28  
ARG CD  HD3  sing N N 29  
ARG NE  CZ   sing N N 30  
ARG NE  HE   sing N N 31  
ARG CZ  NH1  sing N N 32  
ARG CZ  NH2  doub N N 33  
ARG NH1 HH11 sing N N 34  
ARG NH1 HH12 sing N N 35  
ARG NH2 HH21 sing N N 36  
ARG NH2 HH22 sing N N 37  
ARG OXT HXT  sing N N 38  
ASN N   CA   sing N N 39  
ASN N   H    sing N N 40  
ASN N   H2   sing N N 41  
ASN CA  C    sing N N 42  
ASN CA  CB   sing N N 43  
ASN CA  HA   sing N N 44  
ASN C   O    doub N N 45  
ASN C   OXT  sing N N 46  
ASN CB  CG   sing N N 47  
ASN CB  HB2  sing N N 48  
ASN CB  HB3  sing N N 49  
ASN CG  OD1  doub N N 50  
ASN CG  ND2  sing N N 51  
ASN ND2 HD21 sing N N 52  
ASN ND2 HD22 sing N N 53  
ASN OXT HXT  sing N N 54  
ASP N   CA   sing N N 55  
ASP N   H    sing N N 56  
ASP N   H2   sing N N 57  
ASP CA  C    sing N N 58  
ASP CA  CB   sing N N 59  
ASP CA  HA   sing N N 60  
ASP C   O    doub N N 61  
ASP C   OXT  sing N N 62  
ASP CB  CG   sing N N 63  
ASP CB  HB2  sing N N 64  
ASP CB  HB3  sing N N 65  
ASP CG  OD1  doub N N 66  
ASP CG  OD2  sing N N 67  
ASP OD2 HD2  sing N N 68  
ASP OXT HXT  sing N N 69  
CYS N   CA   sing N N 70  
CYS N   H    sing N N 71  
CYS N   H2   sing N N 72  
CYS CA  C    sing N N 73  
CYS CA  CB   sing N N 74  
CYS CA  HA   sing N N 75  
CYS C   O    doub N N 76  
CYS C   OXT  sing N N 77  
CYS CB  SG   sing N N 78  
CYS CB  HB2  sing N N 79  
CYS CB  HB3  sing N N 80  
CYS SG  HG   sing N N 81  
CYS OXT HXT  sing N N 82  
GLN N   CA   sing N N 83  
GLN N   H    sing N N 84  
GLN N   H2   sing N N 85  
GLN CA  C    sing N N 86  
GLN CA  CB   sing N N 87  
GLN CA  HA   sing N N 88  
GLN C   O    doub N N 89  
GLN C   OXT  sing N N 90  
GLN CB  CG   sing N N 91  
GLN CB  HB2  sing N N 92  
GLN CB  HB3  sing N N 93  
GLN CG  CD   sing N N 94  
GLN CG  HG2  sing N N 95  
GLN CG  HG3  sing N N 96  
GLN CD  OE1  doub N N 97  
GLN CD  NE2  sing N N 98  
GLN NE2 HE21 sing N N 99  
GLN NE2 HE22 sing N N 100 
GLN OXT HXT  sing N N 101 
GLU N   CA   sing N N 102 
GLU N   H    sing N N 103 
GLU N   H2   sing N N 104 
GLU CA  C    sing N N 105 
GLU CA  CB   sing N N 106 
GLU CA  HA   sing N N 107 
GLU C   O    doub N N 108 
GLU C   OXT  sing N N 109 
GLU CB  CG   sing N N 110 
GLU CB  HB2  sing N N 111 
GLU CB  HB3  sing N N 112 
GLU CG  CD   sing N N 113 
GLU CG  HG2  sing N N 114 
GLU CG  HG3  sing N N 115 
GLU CD  OE1  doub N N 116 
GLU CD  OE2  sing N N 117 
GLU OE2 HE2  sing N N 118 
GLU OXT HXT  sing N N 119 
GLY N   CA   sing N N 120 
GLY N   H    sing N N 121 
GLY N   H2   sing N N 122 
GLY CA  C    sing N N 123 
GLY CA  HA2  sing N N 124 
GLY CA  HA3  sing N N 125 
GLY C   O    doub N N 126 
GLY C   OXT  sing N N 127 
GLY OXT HXT  sing N N 128 
HIS N   CA   sing N N 129 
HIS N   H    sing N N 130 
HIS N   H2   sing N N 131 
HIS CA  C    sing N N 132 
HIS CA  CB   sing N N 133 
HIS CA  HA   sing N N 134 
HIS C   O    doub N N 135 
HIS C   OXT  sing N N 136 
HIS CB  CG   sing N N 137 
HIS CB  HB2  sing N N 138 
HIS CB  HB3  sing N N 139 
HIS CG  ND1  sing Y N 140 
HIS CG  CD2  doub Y N 141 
HIS ND1 CE1  doub Y N 142 
HIS ND1 HD1  sing N N 143 
HIS CD2 NE2  sing Y N 144 
HIS CD2 HD2  sing N N 145 
HIS CE1 NE2  sing Y N 146 
HIS CE1 HE1  sing N N 147 
HIS NE2 HE2  sing N N 148 
HIS OXT HXT  sing N N 149 
HOH O   H1   sing N N 150 
HOH O   H2   sing N N 151 
ILE N   CA   sing N N 152 
ILE N   H    sing N N 153 
ILE N   H2   sing N N 154 
ILE CA  C    sing N N 155 
ILE CA  CB   sing N N 156 
ILE CA  HA   sing N N 157 
ILE C   O    doub N N 158 
ILE C   OXT  sing N N 159 
ILE CB  CG1  sing N N 160 
ILE CB  CG2  sing N N 161 
ILE CB  HB   sing N N 162 
ILE CG1 CD1  sing N N 163 
ILE CG1 HG12 sing N N 164 
ILE CG1 HG13 sing N N 165 
ILE CG2 HG21 sing N N 166 
ILE CG2 HG22 sing N N 167 
ILE CG2 HG23 sing N N 168 
ILE CD1 HD11 sing N N 169 
ILE CD1 HD12 sing N N 170 
ILE CD1 HD13 sing N N 171 
ILE OXT HXT  sing N N 172 
LEU N   CA   sing N N 173 
LEU N   H    sing N N 174 
LEU N   H2   sing N N 175 
LEU CA  C    sing N N 176 
LEU CA  CB   sing N N 177 
LEU CA  HA   sing N N 178 
LEU C   O    doub N N 179 
LEU C   OXT  sing N N 180 
LEU CB  CG   sing N N 181 
LEU CB  HB2  sing N N 182 
LEU CB  HB3  sing N N 183 
LEU CG  CD1  sing N N 184 
LEU CG  CD2  sing N N 185 
LEU CG  HG   sing N N 186 
LEU CD1 HD11 sing N N 187 
LEU CD1 HD12 sing N N 188 
LEU CD1 HD13 sing N N 189 
LEU CD2 HD21 sing N N 190 
LEU CD2 HD22 sing N N 191 
LEU CD2 HD23 sing N N 192 
LEU OXT HXT  sing N N 193 
LYS N   CA   sing N N 194 
LYS N   H    sing N N 195 
LYS N   H2   sing N N 196 
LYS CA  C    sing N N 197 
LYS CA  CB   sing N N 198 
LYS CA  HA   sing N N 199 
LYS C   O    doub N N 200 
LYS C   OXT  sing N N 201 
LYS CB  CG   sing N N 202 
LYS CB  HB2  sing N N 203 
LYS CB  HB3  sing N N 204 
LYS CG  CD   sing N N 205 
LYS CG  HG2  sing N N 206 
LYS CG  HG3  sing N N 207 
LYS CD  CE   sing N N 208 
LYS CD  HD2  sing N N 209 
LYS CD  HD3  sing N N 210 
LYS CE  NZ   sing N N 211 
LYS CE  HE2  sing N N 212 
LYS CE  HE3  sing N N 213 
LYS NZ  HZ1  sing N N 214 
LYS NZ  HZ2  sing N N 215 
LYS NZ  HZ3  sing N N 216 
LYS OXT HXT  sing N N 217 
MET N   CA   sing N N 218 
MET N   H    sing N N 219 
MET N   H2   sing N N 220 
MET CA  C    sing N N 221 
MET CA  CB   sing N N 222 
MET CA  HA   sing N N 223 
MET C   O    doub N N 224 
MET C   OXT  sing N N 225 
MET CB  CG   sing N N 226 
MET CB  HB2  sing N N 227 
MET CB  HB3  sing N N 228 
MET CG  SD   sing N N 229 
MET CG  HG2  sing N N 230 
MET CG  HG3  sing N N 231 
MET SD  CE   sing N N 232 
MET CE  HE1  sing N N 233 
MET CE  HE2  sing N N 234 
MET CE  HE3  sing N N 235 
MET OXT HXT  sing N N 236 
PHE N   CA   sing N N 237 
PHE N   H    sing N N 238 
PHE N   H2   sing N N 239 
PHE CA  C    sing N N 240 
PHE CA  CB   sing N N 241 
PHE CA  HA   sing N N 242 
PHE C   O    doub N N 243 
PHE C   OXT  sing N N 244 
PHE CB  CG   sing N N 245 
PHE CB  HB2  sing N N 246 
PHE CB  HB3  sing N N 247 
PHE CG  CD1  doub Y N 248 
PHE CG  CD2  sing Y N 249 
PHE CD1 CE1  sing Y N 250 
PHE CD1 HD1  sing N N 251 
PHE CD2 CE2  doub Y N 252 
PHE CD2 HD2  sing N N 253 
PHE CE1 CZ   doub Y N 254 
PHE CE1 HE1  sing N N 255 
PHE CE2 CZ   sing Y N 256 
PHE CE2 HE2  sing N N 257 
PHE CZ  HZ   sing N N 258 
PHE OXT HXT  sing N N 259 
PRO N   CA   sing N N 260 
PRO N   CD   sing N N 261 
PRO N   H    sing N N 262 
PRO CA  C    sing N N 263 
PRO CA  CB   sing N N 264 
PRO CA  HA   sing N N 265 
PRO C   O    doub N N 266 
PRO C   OXT  sing N N 267 
PRO CB  CG   sing N N 268 
PRO CB  HB2  sing N N 269 
PRO CB  HB3  sing N N 270 
PRO CG  CD   sing N N 271 
PRO CG  HG2  sing N N 272 
PRO CG  HG3  sing N N 273 
PRO CD  HD2  sing N N 274 
PRO CD  HD3  sing N N 275 
PRO OXT HXT  sing N N 276 
SER N   CA   sing N N 277 
SER N   H    sing N N 278 
SER N   H2   sing N N 279 
SER CA  C    sing N N 280 
SER CA  CB   sing N N 281 
SER CA  HA   sing N N 282 
SER C   O    doub N N 283 
SER C   OXT  sing N N 284 
SER CB  OG   sing N N 285 
SER CB  HB2  sing N N 286 
SER CB  HB3  sing N N 287 
SER OG  HG   sing N N 288 
SER OXT HXT  sing N N 289 
THR N   CA   sing N N 290 
THR N   H    sing N N 291 
THR N   H2   sing N N 292 
THR CA  C    sing N N 293 
THR CA  CB   sing N N 294 
THR CA  HA   sing N N 295 
THR C   O    doub N N 296 
THR C   OXT  sing N N 297 
THR CB  OG1  sing N N 298 
THR CB  CG2  sing N N 299 
THR CB  HB   sing N N 300 
THR OG1 HG1  sing N N 301 
THR CG2 HG21 sing N N 302 
THR CG2 HG22 sing N N 303 
THR CG2 HG23 sing N N 304 
THR OXT HXT  sing N N 305 
TRP N   CA   sing N N 306 
TRP N   H    sing N N 307 
TRP N   H2   sing N N 308 
TRP CA  C    sing N N 309 
TRP CA  CB   sing N N 310 
TRP CA  HA   sing N N 311 
TRP C   O    doub N N 312 
TRP C   OXT  sing N N 313 
TRP CB  CG   sing N N 314 
TRP CB  HB2  sing N N 315 
TRP CB  HB3  sing N N 316 
TRP CG  CD1  doub Y N 317 
TRP CG  CD2  sing Y N 318 
TRP CD1 NE1  sing Y N 319 
TRP CD1 HD1  sing N N 320 
TRP CD2 CE2  doub Y N 321 
TRP CD2 CE3  sing Y N 322 
TRP NE1 CE2  sing Y N 323 
TRP NE1 HE1  sing N N 324 
TRP CE2 CZ2  sing Y N 325 
TRP CE3 CZ3  doub Y N 326 
TRP CE3 HE3  sing N N 327 
TRP CZ2 CH2  doub Y N 328 
TRP CZ2 HZ2  sing N N 329 
TRP CZ3 CH2  sing Y N 330 
TRP CZ3 HZ3  sing N N 331 
TRP CH2 HH2  sing N N 332 
TRP OXT HXT  sing N N 333 
TYR N   CA   sing N N 334 
TYR N   H    sing N N 335 
TYR N   H2   sing N N 336 
TYR CA  C    sing N N 337 
TYR CA  CB   sing N N 338 
TYR CA  HA   sing N N 339 
TYR C   O    doub N N 340 
TYR C   OXT  sing N N 341 
TYR CB  CG   sing N N 342 
TYR CB  HB2  sing N N 343 
TYR CB  HB3  sing N N 344 
TYR CG  CD1  doub Y N 345 
TYR CG  CD2  sing Y N 346 
TYR CD1 CE1  sing Y N 347 
TYR CD1 HD1  sing N N 348 
TYR CD2 CE2  doub Y N 349 
TYR CD2 HD2  sing N N 350 
TYR CE1 CZ   doub Y N 351 
TYR CE1 HE1  sing N N 352 
TYR CE2 CZ   sing Y N 353 
TYR CE2 HE2  sing N N 354 
TYR CZ  OH   sing N N 355 
TYR OH  HH   sing N N 356 
TYR OXT HXT  sing N N 357 
# 
_atom_sites.entry_id                    1PKR 
_atom_sites.fract_transf_matrix[1][1]   -0.01558013 
_atom_sites.fract_transf_matrix[1][2]   0.00092871 
_atom_sites.fract_transf_matrix[1][3]   -0.00665913 
_atom_sites.fract_transf_matrix[2][1]   0.00050633 
_atom_sites.fract_transf_matrix[2][2]   -0.01659656 
_atom_sites.fract_transf_matrix[2][3]   -0.00349927 
_atom_sites.fract_transf_matrix[3][1]   -0.00723116 
_atom_sites.fract_transf_matrix[3][2]   -0.00367956 
_atom_sites.fract_transf_matrix[3][3]   0.01640531 
_atom_sites.fract_transf_vector[1]      0.717471 
_atom_sites.fract_transf_vector[2]      -0.038604 
_atom_sites.fract_transf_vector[3]      0.310107 
# 
_atom_sites_footnote.id     1 
_atom_sites_footnote.text   'CIS PROLINE - PRO      30' 
# 
loop_
_atom_type.symbol 
C  
CL 
N  
O  
S  
# 
loop_
_atom_site.group_PDB 
_atom_site.id 
_atom_site.type_symbol 
_atom_site.label_atom_id 
_atom_site.label_alt_id 
_atom_site.label_comp_id 
_atom_site.label_asym_id 
_atom_site.label_entity_id 
_atom_site.label_seq_id 
_atom_site.pdbx_PDB_ins_code 
_atom_site.Cartn_x 
_atom_site.Cartn_y 
_atom_site.Cartn_z 
_atom_site.occupancy 
_atom_site.B_iso_or_equiv 
_atom_site.pdbx_formal_charge 
_atom_site.auth_seq_id 
_atom_site.auth_comp_id 
_atom_site.auth_asym_id 
_atom_site.auth_atom_id 
_atom_site.pdbx_PDB_model_num 
ATOM   1   N  N   . GLU A 1 2  ? 5.280   3.995   -13.203 1.00 35.00 ? 0   GLU A N   1 
ATOM   2   C  CA  . GLU A 1 2  ? 5.489   3.572   -11.851 1.00 35.00 ? 0   GLU A CA  1 
ATOM   3   C  C   . GLU A 1 2  ? 6.944   3.882   -11.454 1.00 34.98 ? 0   GLU A C   1 
ATOM   4   O  O   . GLU A 1 2  ? 7.876   3.140   -11.745 1.00 35.00 ? 0   GLU A O   1 
ATOM   5   C  CB  . GLU A 1 2  ? 5.392   2.108   -11.427 1.00 35.00 ? 0   GLU A CB  1 
ATOM   6   C  CG  . GLU A 1 2  ? 4.035   1.389   -11.330 1.00 34.17 ? 0   GLU A CG  1 
ATOM   7   C  CD  . GLU A 1 2  ? 3.816   0.736   -12.674 1.00 33.49 ? 0   GLU A CD  1 
ATOM   8   O  OE1 . GLU A 1 2  ? 4.565   1.086   -13.573 1.00 33.25 ? 0   GLU A OE1 1 
ATOM   9   O  OE2 . GLU A 1 2  ? 2.928   -0.115  -12.673 1.00 34.14 ? 0   GLU A OE2 1 
ATOM   10  N  N   . CYS A 1 3  ? 6.996   4.959   -10.737 1.00 34.93 ? 1   CYS A N   1 
ATOM   11  C  CA  . CYS A 1 3  ? 8.250   5.448   -10.162 1.00 34.90 ? 1   CYS A CA  1 
ATOM   12  C  C   . CYS A 1 3  ? 7.701   6.297   -8.987  1.00 34.55 ? 1   CYS A C   1 
ATOM   13  O  O   . CYS A 1 3  ? 6.511   6.663   -8.943  1.00 32.55 ? 1   CYS A O   1 
ATOM   14  C  CB  . CYS A 1 3  ? 9.118   6.201   -11.138 1.00 35.00 ? 1   CYS A CB  1 
ATOM   15  S  SG  . CYS A 1 3  ? 8.246   7.721   -11.532 1.00 35.00 ? 1   CYS A SG  1 
ATOM   16  N  N   . LYS A 1 4  ? 8.649   6.499   -8.091  1.00 34.51 ? 2   LYS A N   1 
ATOM   17  C  CA  . LYS A 1 4  ? 8.308   7.251   -6.886  1.00 35.00 ? 2   LYS A CA  1 
ATOM   18  C  C   . LYS A 1 4  ? 9.162   8.513   -6.848  1.00 35.00 ? 2   LYS A C   1 
ATOM   19  O  O   . LYS A 1 4  ? 10.218  8.577   -7.447  1.00 34.84 ? 2   LYS A O   1 
ATOM   20  C  CB  . LYS A 1 4  ? 8.612   6.404   -5.660  1.00 34.49 ? 2   LYS A CB  1 
ATOM   21  C  CG  . LYS A 1 4  ? 8.106   7.018   -4.353  1.00 34.39 ? 2   LYS A CG  1 
ATOM   22  C  CD  . LYS A 1 4  ? 8.919   6.393   -3.210  1.00 34.80 ? 2   LYS A CD  1 
ATOM   23  C  CE  . LYS A 1 4  ? 10.406  6.676   -3.468  1.00 34.98 ? 2   LYS A CE  1 
ATOM   24  N  NZ  . LYS A 1 4  ? 11.205  5.784   -2.580  1.00 35.00 ? 2   LYS A NZ  1 
ATOM   25  N  N   . THR A 1 5  ? 8.639   9.446   -6.105  1.00 35.00 ? 3   THR A N   1 
ATOM   26  C  CA  . THR A 1 5  ? 9.273   10.723  -5.855  1.00 35.00 ? 3   THR A CA  1 
ATOM   27  C  C   . THR A 1 5  ? 8.619   11.174  -4.534  1.00 35.00 ? 3   THR A C   1 
ATOM   28  O  O   . THR A 1 5  ? 7.376   11.212  -4.521  1.00 35.00 ? 3   THR A O   1 
ATOM   29  C  CB  . THR A 1 5  ? 9.002   11.792  -6.986  1.00 35.00 ? 3   THR A CB  1 
ATOM   30  O  OG1 . THR A 1 5  ? 8.933   13.061  -6.220  1.00 35.00 ? 3   THR A OG1 1 
ATOM   31  C  CG2 . THR A 1 5  ? 7.702   11.524  -7.771  1.00 35.00 ? 3   THR A CG2 1 
ATOM   32  N  N   . GLY A 1 6  ? 9.474   11.442  -3.580  1.00 35.00 ? 4   GLY A N   1 
ATOM   33  C  CA  . GLY A 1 6  ? 8.949   11.888  -2.259  1.00 35.00 ? 4   GLY A CA  1 
ATOM   34  C  C   . GLY A 1 6  ? 8.515   10.694  -1.418  1.00 34.30 ? 4   GLY A C   1 
ATOM   35  O  O   . GLY A 1 6  ? 9.054   9.593   -1.628  1.00 35.00 ? 4   GLY A O   1 
ATOM   36  N  N   . ASN A 1 7  ? 7.612   10.934  -0.490  1.00 33.11 ? 5   ASN A N   1 
ATOM   37  C  CA  . ASN A 1 7  ? 7.138   9.847   0.371   1.00 32.38 ? 5   ASN A CA  1 
ATOM   38  C  C   . ASN A 1 7  ? 6.258   8.941   -0.478  1.00 31.30 ? 5   ASN A C   1 
ATOM   39  O  O   . ASN A 1 7  ? 5.673   8.018   0.078   1.00 32.19 ? 5   ASN A O   1 
ATOM   40  C  CB  . ASN A 1 7  ? 6.430   10.340  1.626   1.00 33.11 ? 5   ASN A CB  1 
ATOM   41  C  CG  . ASN A 1 7  ? 5.323   11.349  1.443   1.00 34.55 ? 5   ASN A CG  1 
ATOM   42  O  OD1 . ASN A 1 7  ? 4.388   11.456  2.299   1.00 34.84 ? 5   ASN A OD1 1 
ATOM   43  N  ND2 . ASN A 1 7  ? 5.442   12.097  0.326   1.00 34.45 ? 5   ASN A ND2 1 
ATOM   44  N  N   . GLY A 1 8  ? 6.131   9.232   -1.740  1.00 30.75 ? 6   GLY A N   1 
ATOM   45  C  CA  . GLY A 1 8  ? 5.315   8.469   -2.690  1.00 29.57 ? 6   GLY A CA  1 
ATOM   46  C  C   . GLY A 1 8  ? 3.832   8.753   -2.460  1.00 29.49 ? 6   GLY A C   1 
ATOM   47  O  O   . GLY A 1 8  ? 3.009   7.825   -2.619  1.00 29.73 ? 6   GLY A O   1 
ATOM   48  N  N   . LYS A 1 9  ? 3.506   9.981   -2.121  1.00 29.34 ? 7   LYS A N   1 
ATOM   49  C  CA  . LYS A 1 9  ? 2.124   10.406  -1.872  1.00 30.10 ? 7   LYS A CA  1 
ATOM   50  C  C   . LYS A 1 9  ? 1.146   10.354  -3.044  1.00 30.03 ? 7   LYS A C   1 
ATOM   51  O  O   . LYS A 1 9  ? -0.057  10.008  -2.896  1.00 29.25 ? 7   LYS A O   1 
ATOM   52  C  CB  . LYS A 1 9  ? 2.144   11.831  -1.307  1.00 31.36 ? 7   LYS A CB  1 
ATOM   53  C  CG  . LYS A 1 9  ? 0.786   12.378  -0.849  1.00 32.78 ? 7   LYS A CG  1 
ATOM   54  C  CD  . LYS A 1 9  ? 0.313   11.622  0.398   1.00 33.99 ? 7   LYS A CD  1 
ATOM   55  C  CE  . LYS A 1 9  ? -1.190  11.433  0.366   1.00 35.00 ? 7   LYS A CE  1 
ATOM   56  N  NZ  . LYS A 1 9  ? -1.638  10.659  1.564   1.00 35.00 ? 7   LYS A NZ  1 
ATOM   57  N  N   . ASN A 1 10 ? 1.620   10.736  -4.225  1.00 29.62 ? 8   ASN A N   1 
ATOM   58  C  CA  . ASN A 1 10 ? 0.791   10.787  -5.425  1.00 29.86 ? 8   ASN A CA  1 
ATOM   59  C  C   . ASN A 1 10 ? 0.956   9.521   -6.282  1.00 29.07 ? 8   ASN A C   1 
ATOM   60  O  O   . ASN A 1 10 ? 0.441   9.520   -7.412  1.00 28.67 ? 8   ASN A O   1 
ATOM   61  C  CB  . ASN A 1 10 ? 1.144   11.971  -6.315  1.00 32.65 ? 8   ASN A CB  1 
ATOM   62  C  CG  . ASN A 1 10 ? 0.614   13.325  -5.890  1.00 33.75 ? 8   ASN A CG  1 
ATOM   63  O  OD1 . ASN A 1 10 ? 0.973   14.302  -6.607  1.00 34.63 ? 8   ASN A OD1 1 
ATOM   64  N  ND2 . ASN A 1 10 ? -0.164  13.349  -4.797  1.00 33.77 ? 8   ASN A ND2 1 
ATOM   65  N  N   . TYR A 1 11 ? 1.662   8.585   -5.689  1.00 28.01 ? 9   TYR A N   1 
ATOM   66  C  CA  . TYR A 1 11 ? 1.978   7.337   -6.364  1.00 26.98 ? 9   TYR A CA  1 
ATOM   67  C  C   . TYR A 1 11 ? 0.718   6.550   -6.688  1.00 26.39 ? 9   TYR A C   1 
ATOM   68  O  O   . TYR A 1 11 ? 0.085   6.070   -5.733  1.00 27.17 ? 9   TYR A O   1 
ATOM   69  C  CB  . TYR A 1 11 ? 2.959   6.466   -5.546  1.00 26.63 ? 9   TYR A CB  1 
ATOM   70  C  CG  . TYR A 1 11 ? 3.340   5.171   -6.233  1.00 26.34 ? 9   TYR A CG  1 
ATOM   71  C  CD1 . TYR A 1 11 ? 4.266   5.178   -7.275  1.00 26.32 ? 9   TYR A CD1 1 
ATOM   72  C  CD2 . TYR A 1 11 ? 2.746   3.941   -5.887  1.00 25.19 ? 9   TYR A CD2 1 
ATOM   73  C  CE1 . TYR A 1 11 ? 4.651   3.982   -7.896  1.00 27.00 ? 9   TYR A CE1 1 
ATOM   74  C  CE2 . TYR A 1 11 ? 3.096   2.744   -6.501  1.00 24.62 ? 9   TYR A CE2 1 
ATOM   75  C  CZ  . TYR A 1 11 ? 4.062   2.765   -7.512  1.00 25.77 ? 9   TYR A CZ  1 
ATOM   76  O  OH  . TYR A 1 11 ? 4.414   1.619   -8.169  1.00 23.04 ? 9   TYR A OH  1 
ATOM   77  N  N   . ARG A 1 12 ? 0.503   6.433   -7.980  1.00 25.48 ? 10  ARG A N   1 
ATOM   78  C  CA  . ARG A 1 12 ? -0.637  5.652   -8.480  1.00 25.52 ? 10  ARG A CA  1 
ATOM   79  C  C   . ARG A 1 12 ? -0.130  4.496   -9.348  1.00 26.02 ? 10  ARG A C   1 
ATOM   80  O  O   . ARG A 1 12 ? -0.798  4.147   -10.342 1.00 25.88 ? 10  ARG A O   1 
ATOM   81  C  CB  . ARG A 1 12 ? -1.676  6.475   -9.232  1.00 26.04 ? 10  ARG A CB  1 
ATOM   82  C  CG  . ARG A 1 12 ? -2.397  7.460   -8.308  1.00 25.19 ? 10  ARG A CG  1 
ATOM   83  C  CD  . ARG A 1 12 ? -2.593  6.861   -6.979  1.00 27.44 ? 10  ARG A CD  1 
ATOM   84  N  NE  . ARG A 1 12 ? -3.230  7.685   -5.994  1.00 29.10 ? 10  ARG A NE  1 
ATOM   85  C  CZ  . ARG A 1 12 ? -2.718  8.568   -5.141  1.00 28.20 ? 10  ARG A CZ  1 
ATOM   86  N  NH1 . ARG A 1 12 ? -1.448  8.886   -4.951  1.00 26.92 ? 10  ARG A NH1 1 
ATOM   87  N  NH2 . ARG A 1 12 ? -3.669  9.206   -4.457  1.00 28.64 ? 10  ARG A NH2 1 
ATOM   88  N  N   . GLY A 1 13 ? 1.022   3.958   -8.950  1.00 25.28 ? 11  GLY A N   1 
ATOM   89  C  CA  . GLY A 1 13 ? 1.708   2.863   -9.568  1.00 24.79 ? 11  GLY A CA  1 
ATOM   90  C  C   . GLY A 1 13 ? 0.904   1.565   -9.428  1.00 25.38 ? 11  GLY A C   1 
ATOM   91  O  O   . GLY A 1 13 ? -0.188  1.562   -8.846  1.00 24.88 ? 11  GLY A O   1 
ATOM   92  N  N   . THR A 1 14 ? 1.528   0.490   -9.887  1.00 25.90 ? 12  THR A N   1 
ATOM   93  C  CA  . THR A 1 14 ? 0.937   -0.841  -9.940  1.00 26.76 ? 12  THR A CA  1 
ATOM   94  C  C   . THR A 1 14 ? 1.562   -1.969  -9.168  1.00 27.10 ? 12  THR A C   1 
ATOM   95  O  O   . THR A 1 14 ? 1.121   -3.127  -9.433  1.00 27.88 ? 12  THR A O   1 
ATOM   96  C  CB  . THR A 1 14 ? 0.787   -1.269  -11.489 1.00 26.28 ? 12  THR A CB  1 
ATOM   97  O  OG1 . THR A 1 14 ? -0.630  -1.274  -11.790 1.00 26.14 ? 12  THR A OG1 1 
ATOM   98  C  CG2 . THR A 1 14 ? 1.474   -2.552  -11.875 1.00 26.73 ? 12  THR A CG2 1 
ATOM   99  N  N   . MET A 1 15 ? 2.496   -1.678  -8.297  1.00 27.29 ? 13  MET A N   1 
ATOM   100 C  CA  . MET A 1 15 ? 3.178   -2.674  -7.443  1.00 26.71 ? 13  MET A CA  1 
ATOM   101 C  C   . MET A 1 15 ? 2.164   -3.165  -6.380  1.00 25.75 ? 13  MET A C   1 
ATOM   102 O  O   . MET A 1 15 ? 1.484   -2.285  -5.807  1.00 24.23 ? 13  MET A O   1 
ATOM   103 C  CB  . MET A 1 15 ? 4.401   -2.134  -6.709  1.00 27.54 ? 13  MET A CB  1 
ATOM   104 C  CG  . MET A 1 15 ? 5.475   -1.697  -7.633  1.00 31.20 ? 13  MET A CG  1 
ATOM   105 S  SD  . MET A 1 15 ? 6.363   -3.138  -8.332  1.00 35.00 ? 13  MET A SD  1 
ATOM   106 C  CE  . MET A 1 15 ? 6.833   -4.047  -6.842  1.00 34.29 ? 13  MET A CE  1 
ATOM   107 N  N   . SER A 1 16 ? 2.215   -4.476  -6.183  1.00 24.58 ? 14  SER A N   1 
ATOM   108 C  CA  . SER A 1 16 ? 1.324   -5.152  -5.240  1.00 25.39 ? 14  SER A CA  1 
ATOM   109 C  C   . SER A 1 16 ? 1.983   -6.142  -4.291  1.00 24.53 ? 14  SER A C   1 
ATOM   110 O  O   . SER A 1 16 ? 1.257   -7.010  -3.806  1.00 23.64 ? 14  SER A O   1 
ATOM   111 C  CB  . SER A 1 16 ? 0.248   -5.970  -5.997  1.00 28.66 ? 14  SER A CB  1 
ATOM   112 O  OG  . SER A 1 16 ? 0.804   -6.443  -7.258  1.00 30.86 ? 14  SER A OG  1 
ATOM   113 N  N   . LYS A 1 17 ? 3.267   -6.025  -4.086  1.00 24.72 ? 15  LYS A N   1 
ATOM   114 C  CA  . LYS A 1 17 ? 4.063   -6.871  -3.195  1.00 24.45 ? 15  LYS A CA  1 
ATOM   115 C  C   . LYS A 1 17 ? 5.003   -5.926  -2.430  1.00 24.67 ? 15  LYS A C   1 
ATOM   116 O  O   . LYS A 1 17 ? 5.429   -4.810  -2.811  1.00 23.83 ? 15  LYS A O   1 
ATOM   117 C  CB  . LYS A 1 17 ? 4.828   -7.994  -3.874  1.00 24.13 ? 15  LYS A CB  1 
ATOM   118 C  CG  . LYS A 1 17 ? 6.241   -7.601  -4.361  1.00 24.21 ? 15  LYS A CG  1 
ATOM   119 C  CD  . LYS A 1 17 ? 6.897   -8.602  -5.296  1.00 24.19 ? 15  LYS A CD  1 
ATOM   120 C  CE  . LYS A 1 17 ? 7.602   -7.936  -6.480  1.00 24.41 ? 15  LYS A CE  1 
ATOM   121 N  NZ  . LYS A 1 17 ? 8.358   -8.929  -7.292  1.00 22.52 ? 15  LYS A NZ  1 
ATOM   122 N  N   . THR A 1 18 ? 5.304   -6.400  -1.231  1.00 25.42 ? 16  THR A N   1 
ATOM   123 C  CA  . THR A 1 18 ? 6.175   -5.562  -0.365  1.00 25.85 ? 16  THR A CA  1 
ATOM   124 C  C   . THR A 1 18 ? 7.629   -5.818  -0.742  1.00 27.04 ? 16  THR A C   1 
ATOM   125 O  O   . THR A 1 18 ? 7.975   -6.657  -1.597  1.00 26.68 ? 16  THR A O   1 
ATOM   126 C  CB  . THR A 1 18 ? 5.806   -5.821  1.133   1.00 23.34 ? 16  THR A CB  1 
ATOM   127 O  OG1 . THR A 1 18 ? 6.617   -6.945  1.578   1.00 24.04 ? 16  THR A OG1 1 
ATOM   128 C  CG2 . THR A 1 18 ? 4.330   -6.150  1.350   1.00 22.50 ? 16  THR A CG2 1 
ATOM   129 N  N   . LYS A 1 19 ? 8.444   -5.064  -0.041  1.00 27.79 ? 17  LYS A N   1 
ATOM   130 C  CA  . LYS A 1 19 ? 9.896   -5.081  -0.135  1.00 29.25 ? 17  LYS A CA  1 
ATOM   131 C  C   . LYS A 1 19 ? 10.510  -6.453  0.075   1.00 30.23 ? 17  LYS A C   1 
ATOM   132 O  O   . LYS A 1 19 ? 11.649  -6.674  -0.376  1.00 31.14 ? 17  LYS A O   1 
ATOM   133 C  CB  . LYS A 1 19 ? 10.436  -4.030  0.826   1.00 28.80 ? 17  LYS A CB  1 
ATOM   134 C  CG  . LYS A 1 19 ? 10.443  -4.450  2.297   1.00 30.14 ? 17  LYS A CG  1 
ATOM   135 C  CD  . LYS A 1 19 ? 11.467  -3.523  2.969   1.00 30.88 ? 17  LYS A CD  1 
ATOM   136 C  CE  . LYS A 1 19 ? 11.925  -4.055  4.305   1.00 31.10 ? 17  LYS A CE  1 
ATOM   137 N  NZ  . LYS A 1 19 ? 11.747  -2.952  5.311   1.00 32.36 ? 17  LYS A NZ  1 
ATOM   138 N  N   . ASN A 1 20 ? 9.834   -7.411  0.664   1.00 31.97 ? 18  ASN A N   1 
ATOM   139 C  CA  . ASN A 1 20 ? 10.249  -8.773  0.950   1.00 32.45 ? 18  ASN A CA  1 
ATOM   140 C  C   . ASN A 1 20 ? 9.464   -9.794  0.104   1.00 32.35 ? 18  ASN A C   1 
ATOM   141 O  O   . ASN A 1 20 ? 9.332   -10.979 0.483   1.00 32.61 ? 18  ASN A O   1 
ATOM   142 C  CB  . ASN A 1 20 ? 10.117  -9.229  2.392   1.00 34.08 ? 18  ASN A CB  1 
ATOM   143 C  CG  . ASN A 1 20 ? 10.883  -8.486  3.452   1.00 35.00 ? 18  ASN A CG  1 
ATOM   144 O  OD1 . ASN A 1 20 ? 10.353  -8.487  4.598   1.00 35.00 ? 18  ASN A OD1 1 
ATOM   145 N  ND2 . ASN A 1 20 ? 12.033  -7.874  3.212   1.00 35.00 ? 18  ASN A ND2 1 
ATOM   146 N  N   . GLY A 1 21 ? 8.993   -9.261  -0.986  1.00 31.61 ? 19  GLY A N   1 
ATOM   147 C  CA  . GLY A 1 21 ? 8.275   -10.069 -1.951  1.00 31.88 ? 19  GLY A CA  1 
ATOM   148 C  C   . GLY A 1 21 ? 7.048   -10.819 -1.489  1.00 30.92 ? 19  GLY A C   1 
ATOM   149 O  O   . GLY A 1 21 ? 6.687   -11.846 -2.111  1.00 30.71 ? 19  GLY A O   1 
ATOM   150 N  N   . ILE A 1 22 ? 6.439   -10.279 -0.453  1.00 30.69 ? 20  ILE A N   1 
ATOM   151 C  CA  . ILE A 1 22 ? 5.173   -10.909 0.006   1.00 30.50 ? 20  ILE A CA  1 
ATOM   152 C  C   . ILE A 1 22 ? 4.107   -9.933  -0.506  1.00 30.07 ? 20  ILE A C   1 
ATOM   153 O  O   . ILE A 1 22 ? 4.206   -8.691  -0.468  1.00 29.88 ? 20  ILE A O   1 
ATOM   154 C  CB  . ILE A 1 22 ? 5.141   -11.470 1.438   1.00 31.05 ? 20  ILE A CB  1 
ATOM   155 C  CG1 . ILE A 1 22 ? 3.763   -12.167 1.659   1.00 31.61 ? 20  ILE A CG1 1 
ATOM   156 C  CG2 . ILE A 1 22 ? 5.486   -10.493 2.593   1.00 31.61 ? 20  ILE A CG2 1 
ATOM   157 C  CD1 . ILE A 1 22 ? 3.500   -12.619 3.107   1.00 31.29 ? 20  ILE A CD1 1 
ATOM   158 N  N   . THR A 1 23 ? 3.095   -10.577 -1.083  1.00 29.59 ? 21  THR A N   1 
ATOM   159 C  CA  . THR A 1 23 ? 1.961   -9.905  -1.723  1.00 27.82 ? 21  THR A CA  1 
ATOM   160 C  C   . THR A 1 23 ? 0.963   -9.252  -0.807  1.00 27.04 ? 21  THR A C   1 
ATOM   161 O  O   . THR A 1 23 ? 0.518   -9.781  0.236   1.00 27.54 ? 21  THR A O   1 
ATOM   162 C  CB  . THR A 1 23 ? 1.391   -10.908 -2.806  1.00 26.96 ? 21  THR A CB  1 
ATOM   163 O  OG1 . THR A 1 23 ? -0.025  -11.062 -2.552  1.00 27.86 ? 21  THR A OG1 1 
ATOM   164 C  CG2 . THR A 1 23 ? 2.176   -12.213 -2.801  1.00 26.42 ? 21  THR A CG2 1 
ATOM   165 N  N   . CYS A 1 24 ? 0.630   -8.044  -1.250  1.00 25.41 ? 22  CYS A N   1 
ATOM   166 C  CA  . CYS A 1 24 ? -0.307  -7.130  -0.603  1.00 24.56 ? 22  CYS A CA  1 
ATOM   167 C  C   . CYS A 1 24 ? -1.734  -7.665  -0.544  1.00 23.99 ? 22  CYS A C   1 
ATOM   168 O  O   . CYS A 1 24 ? -2.129  -8.436  -1.414  1.00 23.87 ? 22  CYS A O   1 
ATOM   169 C  CB  . CYS A 1 24 ? -0.320  -5.747  -1.283  1.00 22.74 ? 22  CYS A CB  1 
ATOM   170 S  SG  . CYS A 1 24 ? 1.320   -4.959  -1.198  1.00 22.02 ? 22  CYS A SG  1 
ATOM   171 N  N   . GLN A 1 25 ? -2.419  -7.251  0.512   1.00 23.72 ? 23  GLN A N   1 
ATOM   172 C  CA  . GLN A 1 25 ? -3.830  -7.587  0.773   1.00 23.03 ? 23  GLN A CA  1 
ATOM   173 C  C   . GLN A 1 25 ? -4.712  -6.491  0.178   1.00 23.30 ? 23  GLN A C   1 
ATOM   174 O  O   . GLN A 1 25 ? -4.348  -5.271  0.278   1.00 22.62 ? 23  GLN A O   1 
ATOM   175 C  CB  . GLN A 1 25 ? -4.063  -7.706  2.281   1.00 23.47 ? 23  GLN A CB  1 
ATOM   176 C  CG  . GLN A 1 25 ? -5.553  -7.793  2.593   1.00 25.26 ? 23  GLN A CG  1 
ATOM   177 C  CD  . GLN A 1 25 ? -5.837  -7.498  4.046   1.00 26.28 ? 23  GLN A CD  1 
ATOM   178 O  OE1 . GLN A 1 25 ? -5.032  -7.878  4.894   1.00 26.85 ? 23  GLN A OE1 1 
ATOM   179 N  NE2 . GLN A 1 25 ? -6.959  -6.833  4.297   1.00 26.33 ? 23  GLN A NE2 1 
ATOM   180 N  N   . LYS A 1 26 ? -5.821  -6.903  -0.440  1.00 23.83 ? 24  LYS A N   1 
ATOM   181 C  CA  . LYS A 1 26 ? -6.714  -5.867  -1.062  1.00 24.65 ? 24  LYS A CA  1 
ATOM   182 C  C   . LYS A 1 26 ? -7.172  -4.952  0.099   1.00 24.52 ? 24  LYS A C   1 
ATOM   183 O  O   . LYS A 1 26 ? -7.575  -5.452  1.166   1.00 23.31 ? 24  LYS A O   1 
ATOM   184 C  CB  . LYS A 1 26 ? -7.926  -6.336  -1.812  1.00 26.29 ? 24  LYS A CB  1 
ATOM   185 C  CG  . LYS A 1 26 ? -7.934  -7.495  -2.788  1.00 28.85 ? 24  LYS A CG  1 
ATOM   186 C  CD  . LYS A 1 26 ? -7.996  -7.154  -4.287  1.00 30.45 ? 24  LYS A CD  1 
ATOM   187 C  CE  . LYS A 1 26 ? -9.364  -6.641  -4.718  1.00 31.67 ? 24  LYS A CE  1 
ATOM   188 N  NZ  . LYS A 1 26 ? -9.397  -5.814  -5.953  1.00 31.65 ? 24  LYS A NZ  1 
ATOM   189 N  N   . TRP A 1 27 ? -7.074  -3.669  -0.141  1.00 25.11 ? 25  TRP A N   1 
ATOM   190 C  CA  . TRP A 1 27 ? -7.436  -2.589  0.759   1.00 25.93 ? 25  TRP A CA  1 
ATOM   191 C  C   . TRP A 1 27 ? -8.961  -2.616  1.034   1.00 27.89 ? 25  TRP A C   1 
ATOM   192 O  O   . TRP A 1 27 ? -9.414  -1.949  1.995   1.00 28.66 ? 25  TRP A O   1 
ATOM   193 C  CB  . TRP A 1 27 ? -7.117  -1.216  0.215   1.00 24.37 ? 25  TRP A CB  1 
ATOM   194 C  CG  . TRP A 1 27 ? -5.751  -0.791  -0.065  1.00 23.07 ? 25  TRP A CG  1 
ATOM   195 C  CD1 . TRP A 1 27 ? -5.086  -0.835  -1.268  1.00 22.34 ? 25  TRP A CD1 1 
ATOM   196 C  CD2 . TRP A 1 27 ? -4.845  -0.199  0.898   1.00 22.96 ? 25  TRP A CD2 1 
ATOM   197 N  NE1 . TRP A 1 27 ? -3.815  -0.297  -1.129  1.00 22.38 ? 25  TRP A NE1 1 
ATOM   198 C  CE2 . TRP A 1 27 ? -3.623  0.071   0.193   1.00 22.74 ? 25  TRP A CE2 1 
ATOM   199 C  CE3 . TRP A 1 27 ? -4.953  0.113   2.245   1.00 20.89 ? 25  TRP A CE3 1 
ATOM   200 C  CZ2 . TRP A 1 27 ? -2.512  0.629   0.819   1.00 20.17 ? 25  TRP A CZ2 1 
ATOM   201 C  CZ3 . TRP A 1 27 ? -3.832  0.646   2.851   1.00 22.10 ? 25  TRP A CZ3 1 
ATOM   202 C  CH2 . TRP A 1 27 ? -2.635  0.922   2.163   1.00 20.44 ? 25  TRP A CH2 1 
ATOM   203 N  N   . SER A 1 28 ? -9.680  -3.314  0.164   1.00 28.88 ? 26  SER A N   1 
ATOM   204 C  CA  . SER A 1 28 ? -11.148 -3.432  0.328   1.00 29.58 ? 26  SER A CA  1 
ATOM   205 C  C   . SER A 1 28 ? -11.462 -4.578  1.296   1.00 29.53 ? 26  SER A C   1 
ATOM   206 O  O   . SER A 1 28 ? -12.387 -4.482  2.128   1.00 30.20 ? 26  SER A O   1 
ATOM   207 C  CB  . SER A 1 28 ? -11.919 -3.502  -0.973  1.00 29.81 ? 26  SER A CB  1 
ATOM   208 O  OG  . SER A 1 28 ? -11.197 -4.051  -2.064  1.00 28.89 ? 26  SER A OG  1 
ATOM   209 N  N   . SER A 1 29 ? -10.680 -5.616  1.230   1.00 29.30 ? 27  SER A N   1 
ATOM   210 C  CA  . SER A 1 29 ? -10.734 -6.851  2.003   1.00 28.84 ? 27  SER A CA  1 
ATOM   211 C  C   . SER A 1 29 ? -10.468 -6.639  3.466   1.00 29.32 ? 27  SER A C   1 
ATOM   212 O  O   . SER A 1 29 ? -9.846  -5.626  3.814   1.00 29.74 ? 27  SER A O   1 
ATOM   213 C  CB  . SER A 1 29 ? -9.738  -7.825  1.373   1.00 29.33 ? 27  SER A CB  1 
ATOM   214 O  OG  . SER A 1 29 ? -9.412  -8.831  2.294   1.00 29.86 ? 27  SER A OG  1 
ATOM   215 N  N   . THR A 1 30 ? -10.930 -7.524  4.329   1.00 31.02 ? 28  THR A N   1 
ATOM   216 C  CA  . THR A 1 30 ? -10.781 -7.436  5.792   1.00 32.31 ? 28  THR A CA  1 
ATOM   217 C  C   . THR A 1 30 ? -10.104 -8.623  6.476   1.00 33.00 ? 28  THR A C   1 
ATOM   218 O  O   . THR A 1 30 ? -10.332 -8.898  7.675   1.00 33.73 ? 28  THR A O   1 
ATOM   219 C  CB  . THR A 1 30 ? -12.165 -7.142  6.520   1.00 32.79 ? 28  THR A CB  1 
ATOM   220 O  OG1 . THR A 1 30 ? -13.035 -8.240  6.093   1.00 34.62 ? 28  THR A OG1 1 
ATOM   221 C  CG2 . THR A 1 30 ? -12.854 -5.799  6.285   1.00 33.02 ? 28  THR A CG2 1 
ATOM   222 N  N   . SER A 1 31 ? -9.255  -9.335  5.779   1.00 33.67 ? 29  SER A N   1 
ATOM   223 C  CA  . SER A 1 31 ? -8.474  -10.466 6.269   1.00 34.65 ? 29  SER A CA  1 
ATOM   224 C  C   . SER A 1 31 ? -7.215  -10.593 5.372   1.00 34.93 ? 29  SER A C   1 
ATOM   225 O  O   . SER A 1 31 ? -7.248  -10.213 4.190   1.00 35.00 ? 29  SER A O   1 
ATOM   226 C  CB  . SER A 1 31 ? -9.220  -11.776 6.340   1.00 34.67 ? 29  SER A CB  1 
ATOM   227 O  OG  . SER A 1 31 ? -9.085  -12.444 5.081   1.00 34.43 ? 29  SER A OG  1 
ATOM   228 N  N   . PRO A 1 32 ? -6.110  -11.085 5.931   1.00 35.00 ? 30  PRO A N   1 
ATOM   229 C  CA  . PRO A 1 32 ? -6.013  -11.550 7.320   1.00 34.33 ? 30  PRO A CA  1 
ATOM   230 C  C   . PRO A 1 32 ? -6.107  -10.314 8.238   1.00 33.40 ? 30  PRO A C   1 
ATOM   231 O  O   . PRO A 1 32 ? -6.366  -10.396 9.446   1.00 33.53 ? 30  PRO A O   1 
ATOM   232 C  CB  . PRO A 1 32 ? -4.660  -12.237 7.412   1.00 34.50 ? 30  PRO A CB  1 
ATOM   233 C  CG  . PRO A 1 32 ? -3.944  -12.055 6.105   1.00 34.55 ? 30  PRO A CG  1 
ATOM   234 C  CD  . PRO A 1 32 ? -4.865  -11.281 5.176   1.00 35.00 ? 30  PRO A CD  1 
ATOM   235 N  N   . HIS A 1 33 ? -5.900  -9.146  7.663   1.00 31.90 ? 31  HIS A N   1 
ATOM   236 C  CA  . HIS A 1 33 ? -5.933  -7.887  8.406   1.00 32.06 ? 31  HIS A CA  1 
ATOM   237 C  C   . HIS A 1 33 ? -7.117  -6.990  8.060   1.00 31.61 ? 31  HIS A C   1 
ATOM   238 O  O   . HIS A 1 33 ? -7.634  -7.011  6.931   1.00 31.87 ? 31  HIS A O   1 
ATOM   239 C  CB  . HIS A 1 33 ? -4.606  -7.045  8.139   1.00 31.44 ? 31  HIS A CB  1 
ATOM   240 C  CG  . HIS A 1 33 ? -3.388  -7.918  8.167   1.00 29.67 ? 31  HIS A CG  1 
ATOM   241 N  ND1 . HIS A 1 33 ? -2.539  -8.138  7.131   1.00 29.90 ? 31  HIS A ND1 1 
ATOM   242 C  CD2 . HIS A 1 33 ? -2.894  -8.656  9.206   1.00 29.76 ? 31  HIS A CD2 1 
ATOM   243 C  CE1 . HIS A 1 33 ? -1.586  -8.983  7.502   1.00 29.77 ? 31  HIS A CE1 1 
ATOM   244 N  NE2 . HIS A 1 33 ? -1.791  -9.312  8.769   1.00 29.71 ? 31  HIS A NE2 1 
ATOM   245 N  N   . ARG A 1 34 ? -7.504  -6.172  9.020   1.00 31.22 ? 32  ARG A N   1 
ATOM   246 C  CA  . ARG A 1 34 ? -8.583  -5.203  8.863   1.00 31.30 ? 32  ARG A CA  1 
ATOM   247 C  C   . ARG A 1 34 ? -7.934  -3.824  8.637   1.00 31.41 ? 32  ARG A C   1 
ATOM   248 O  O   . ARG A 1 34 ? -7.336  -3.267  9.561   1.00 31.38 ? 32  ARG A O   1 
ATOM   249 C  CB  . ARG A 1 34 ? -9.542  -5.178  10.050  1.00 31.60 ? 32  ARG A CB  1 
ATOM   250 C  CG  . ARG A 1 34 ? -10.848 -4.436  9.845   1.00 33.41 ? 32  ARG A CG  1 
ATOM   251 C  CD  . ARG A 1 34 ? -11.948 -4.668  10.844  1.00 34.56 ? 32  ARG A CD  1 
ATOM   252 N  NE  . ARG A 1 34 ? -12.887 -5.600  10.307  1.00 35.00 ? 32  ARG A NE  1 
ATOM   253 C  CZ  . ARG A 1 34 ? -14.168 -5.825  10.149  1.00 35.00 ? 32  ARG A CZ  1 
ATOM   254 N  NH1 . ARG A 1 34 ? -15.170 -4.977  10.376  1.00 35.00 ? 32  ARG A NH1 1 
ATOM   255 N  NH2 . ARG A 1 34 ? -14.536 -7.048  9.700   1.00 35.00 ? 32  ARG A NH2 1 
ATOM   256 N  N   . PRO A 1 35 ? -8.075  -3.284  7.436   1.00 31.07 ? 33  PRO A N   1 
ATOM   257 C  CA  . PRO A 1 35 ? -7.485  -2.006  7.083   1.00 31.72 ? 33  PRO A CA  1 
ATOM   258 C  C   . PRO A 1 35 ? -8.220  -0.828  7.751   1.00 32.40 ? 33  PRO A C   1 
ATOM   259 O  O   . PRO A 1 35 ? -9.455  -0.746  7.908   1.00 31.93 ? 33  PRO A O   1 
ATOM   260 C  CB  . PRO A 1 35 ? -7.543  -1.924  5.564   1.00 31.47 ? 33  PRO A CB  1 
ATOM   261 C  CG  . PRO A 1 35 ? -8.254  -3.153  5.076   1.00 31.78 ? 33  PRO A CG  1 
ATOM   262 C  CD  . PRO A 1 35 ? -8.678  -3.980  6.276   1.00 31.34 ? 33  PRO A CD  1 
ATOM   263 N  N   . ARG A 1 36 ? -7.401  0.132   8.144   1.00 32.74 ? 34  ARG A N   1 
ATOM   264 C  CA  . ARG A 1 36 ? -7.706  1.384   8.808   1.00 33.11 ? 34  ARG A CA  1 
ATOM   265 C  C   . ARG A 1 36 ? -7.994  2.447   7.728   1.00 32.42 ? 34  ARG A C   1 
ATOM   266 O  O   . ARG A 1 36 ? -8.462  3.561   8.030   1.00 32.74 ? 34  ARG A O   1 
ATOM   267 C  CB  . ARG A 1 36 ? -6.562  1.896   9.681   1.00 34.70 ? 34  ARG A CB  1 
ATOM   268 C  CG  . ARG A 1 36 ? -6.671  1.790   11.174  1.00 35.00 ? 34  ARG A CG  1 
ATOM   269 C  CD  . ARG A 1 36 ? -5.354  1.686   11.888  1.00 35.00 ? 34  ARG A CD  1 
ATOM   270 N  NE  . ARG A 1 36 ? -4.958  0.250   12.025  1.00 35.00 ? 34  ARG A NE  1 
ATOM   271 C  CZ  . ARG A 1 36 ? -4.411  -0.183  13.187  1.00 35.00 ? 34  ARG A CZ  1 
ATOM   272 N  NH1 . ARG A 1 36 ? -4.259  0.718   14.209  1.00 35.00 ? 34  ARG A NH1 1 
ATOM   273 N  NH2 . ARG A 1 36 ? -3.981  -1.427  13.477  1.00 35.00 ? 34  ARG A NH2 1 
ATOM   274 N  N   . PHE A 1 37 ? -7.680  2.049   6.512   1.00 30.56 ? 35  PHE A N   1 
ATOM   275 C  CA  . PHE A 1 37 ? -7.892  2.881   5.319   1.00 29.06 ? 35  PHE A CA  1 
ATOM   276 C  C   . PHE A 1 37 ? -8.499  1.977   4.237   1.00 30.29 ? 35  PHE A C   1 
ATOM   277 O  O   . PHE A 1 37 ? -8.075  0.818   4.060   1.00 30.41 ? 35  PHE A O   1 
ATOM   278 C  CB  . PHE A 1 37 ? -6.579  3.439   4.756   1.00 25.81 ? 35  PHE A CB  1 
ATOM   279 C  CG  . PHE A 1 37 ? -5.839  4.210   5.806   1.00 22.91 ? 35  PHE A CG  1 
ATOM   280 C  CD1 . PHE A 1 37 ? -6.327  5.486   6.173   1.00 21.84 ? 35  PHE A CD1 1 
ATOM   281 C  CD2 . PHE A 1 37 ? -4.748  3.659   6.429   1.00 20.68 ? 35  PHE A CD2 1 
ATOM   282 C  CE1 . PHE A 1 37 ? -5.692  6.230   7.175   1.00 19.99 ? 35  PHE A CE1 1 
ATOM   283 C  CE2 . PHE A 1 37 ? -4.112  4.381   7.428   1.00 21.49 ? 35  PHE A CE2 1 
ATOM   284 C  CZ  . PHE A 1 37 ? -4.572  5.654   7.797   1.00 20.56 ? 35  PHE A CZ  1 
ATOM   285 N  N   . SER A 1 38 ? -9.457  2.561   3.535   1.00 31.26 ? 37  SER A N   1 
ATOM   286 C  CA  . SER A 1 38 ? -10.103 1.819   2.424   1.00 30.92 ? 37  SER A CA  1 
ATOM   287 C  C   . SER A 1 38 ? -10.726 2.782   1.420   1.00 30.23 ? 37  SER A C   1 
ATOM   288 O  O   . SER A 1 38 ? -10.829 3.988   1.666   1.00 30.87 ? 37  SER A O   1 
ATOM   289 C  CB  . SER A 1 38 ? -11.077 0.818   3.026   1.00 29.65 ? 37  SER A CB  1 
ATOM   290 O  OG  . SER A 1 38 ? -12.181 1.646   3.337   1.00 30.31 ? 37  SER A OG  1 
ATOM   291 N  N   . PRO A 1 39 ? -11.104 2.237   0.266   1.00 29.79 ? 38  PRO A N   1 
ATOM   292 C  CA  . PRO A 1 39 ? -11.715 3.004   -0.803  1.00 29.14 ? 38  PRO A CA  1 
ATOM   293 C  C   . PRO A 1 39 ? -13.052 3.658   -0.401  1.00 29.02 ? 38  PRO A C   1 
ATOM   294 O  O   . PRO A 1 39 ? -13.532 4.642   -1.024  1.00 27.85 ? 38  PRO A O   1 
ATOM   295 C  CB  . PRO A 1 39 ? -11.931 1.980   -1.924  1.00 29.15 ? 38  PRO A CB  1 
ATOM   296 C  CG  . PRO A 1 39 ? -11.490 0.641   -1.445  1.00 28.56 ? 38  PRO A CG  1 
ATOM   297 C  CD  . PRO A 1 39 ? -10.962 0.787   -0.054  1.00 29.32 ? 38  PRO A CD  1 
ATOM   298 N  N   . ALA A 1 40 ? -13.695 3.112   0.631   1.00 28.71 ? 39  ALA A N   1 
ATOM   299 C  CA  . ALA A 1 40 ? -14.990 3.669   1.078   1.00 29.61 ? 39  ALA A CA  1 
ATOM   300 C  C   . ALA A 1 40 ? -14.855 4.894   1.967   1.00 30.31 ? 39  ALA A C   1 
ATOM   301 O  O   . ALA A 1 40 ? -15.766 5.722   2.019   1.00 31.79 ? 39  ALA A O   1 
ATOM   302 C  CB  . ALA A 1 40 ? -15.832 2.633   1.798   1.00 28.73 ? 39  ALA A CB  1 
ATOM   303 N  N   . THR A 1 41 ? -13.752 5.006   2.669   1.00 30.70 ? 40  THR A N   1 
ATOM   304 C  CA  . THR A 1 41 ? -13.450 6.079   3.598   1.00 30.82 ? 40  THR A CA  1 
ATOM   305 C  C   . THR A 1 41 ? -12.498 7.149   3.111   1.00 31.67 ? 40  THR A C   1 
ATOM   306 O  O   . THR A 1 41 ? -12.644 8.323   3.489   1.00 31.94 ? 40  THR A O   1 
ATOM   307 C  CB  . THR A 1 41 ? -12.976 5.373   4.939   1.00 29.98 ? 40  THR A CB  1 
ATOM   308 O  OG1 . THR A 1 41 ? -14.190 5.267   5.754   1.00 30.51 ? 40  THR A OG1 1 
ATOM   309 C  CG2 . THR A 1 41 ? -11.903 6.137   5.688   1.00 30.33 ? 40  THR A CG2 1 
ATOM   310 N  N   . HIS A 1 42 ? -11.521 6.806   2.288   1.00 32.88 ? 41  HIS A N   1 
ATOM   311 C  CA  . HIS A 1 42 ? -10.496 7.688   1.703   1.00 32.58 ? 41  HIS A CA  1 
ATOM   312 C  C   . HIS A 1 42 ? -10.492 7.508   0.173   1.00 32.34 ? 41  HIS A C   1 
ATOM   313 O  O   . HIS A 1 42 ? -9.503  7.007   -0.348  1.00 31.30 ? 41  HIS A O   1 
ATOM   314 C  CB  . HIS A 1 42 ? -9.039  7.427   2.180   1.00 31.16 ? 41  HIS A CB  1 
ATOM   315 C  CG  . HIS A 1 42 ? -9.011  7.504   3.682   1.00 30.78 ? 41  HIS A CG  1 
ATOM   316 N  ND1 . HIS A 1 42 ? -9.851  6.809   4.516   1.00 29.29 ? 41  HIS A ND1 1 
ATOM   317 C  CD2 . HIS A 1 42 ? -8.191  8.260   4.467   1.00 30.27 ? 41  HIS A CD2 1 
ATOM   318 C  CE1 . HIS A 1 42 ? -9.530  7.137   5.751   1.00 30.03 ? 41  HIS A CE1 1 
ATOM   319 N  NE2 . HIS A 1 42 ? -8.538  8.008   5.751   1.00 29.65 ? 41  HIS A NE2 1 
ATOM   320 N  N   . PRO A 1 43 ? -11.596 7.964   -0.418  1.00 32.93 ? 42  PRO A N   1 
ATOM   321 C  CA  . PRO A 1 43 ? -11.833 7.851   -1.861  1.00 32.55 ? 42  PRO A CA  1 
ATOM   322 C  C   . PRO A 1 43 ? -10.799 8.515   -2.749  1.00 31.44 ? 42  PRO A C   1 
ATOM   323 O  O   . PRO A 1 43 ? -10.545 8.040   -3.866  1.00 30.87 ? 42  PRO A O   1 
ATOM   324 C  CB  . PRO A 1 43 ? -13.269 8.290   -2.064  1.00 32.61 ? 42  PRO A CB  1 
ATOM   325 C  CG  . PRO A 1 43 ? -13.848 8.682   -0.733  1.00 32.50 ? 42  PRO A CG  1 
ATOM   326 C  CD  . PRO A 1 43 ? -12.776 8.511   0.305   1.00 32.56 ? 42  PRO A CD  1 
ATOM   327 N  N   . SER A 1 44 ? -10.139 9.532   -2.291  1.00 30.91 ? 43  SER A N   1 
ATOM   328 C  CA  . SER A 1 44 ? -9.083  10.266  -2.976  1.00 31.46 ? 43  SER A CA  1 
ATOM   329 C  C   . SER A 1 44 ? -7.682  9.665   -2.832  1.00 31.79 ? 43  SER A C   1 
ATOM   330 O  O   . SER A 1 44 ? -6.655  10.242  -3.307  1.00 31.87 ? 43  SER A O   1 
ATOM   331 C  CB  . SER A 1 44 ? -8.971  11.633  -2.226  1.00 32.48 ? 43  SER A CB  1 
ATOM   332 O  OG  . SER A 1 44 ? -8.750  11.352  -0.834  1.00 32.05 ? 43  SER A OG  1 
ATOM   333 N  N   . GLU A 1 45 ? -7.620  8.538   -2.139  1.00 30.77 ? 44  GLU A N   1 
ATOM   334 C  CA  . GLU A 1 45 ? -6.340  7.906   -1.863  1.00 30.19 ? 44  GLU A CA  1 
ATOM   335 C  C   . GLU A 1 45 ? -5.833  6.799   -2.721  1.00 29.55 ? 44  GLU A C   1 
ATOM   336 O  O   . GLU A 1 45 ? -4.724  6.319   -2.393  1.00 29.42 ? 44  GLU A O   1 
ATOM   337 C  CB  . GLU A 1 45 ? -6.305  7.562   -0.364  1.00 31.25 ? 44  GLU A CB  1 
ATOM   338 C  CG  . GLU A 1 45 ? -6.478  8.794   0.537   1.00 31.51 ? 44  GLU A CG  1 
ATOM   339 C  CD  . GLU A 1 45 ? -5.407  9.839   0.346   1.00 31.75 ? 44  GLU A CD  1 
ATOM   340 O  OE1 . GLU A 1 45 ? -4.329  9.626   -0.200  1.00 32.08 ? 44  GLU A OE1 1 
ATOM   341 O  OE2 . GLU A 1 45 ? -5.720  10.942  0.844   1.00 30.98 ? 44  GLU A OE2 1 
ATOM   342 N  N   . GLY A 1 46 ? -6.496  6.342   -3.758  1.00 29.36 ? 45  GLY A N   1 
ATOM   343 C  CA  . GLY A 1 46 ? -6.019  5.325   -4.697  1.00 28.40 ? 45  GLY A CA  1 
ATOM   344 C  C   . GLY A 1 46 ? -5.946  3.894   -4.156  1.00 28.09 ? 45  GLY A C   1 
ATOM   345 O  O   . GLY A 1 46 ? -5.064  3.115   -4.558  1.00 27.48 ? 45  GLY A O   1 
ATOM   346 N  N   . LEU A 1 47 ? -6.889  3.569   -3.305  1.00 27.93 ? 46  LEU A N   1 
ATOM   347 C  CA  . LEU A 1 47 ? -6.952  2.255   -2.642  1.00 27.54 ? 46  LEU A CA  1 
ATOM   348 C  C   . LEU A 1 47 ? -7.588  1.188   -3.528  1.00 28.05 ? 46  LEU A C   1 
ATOM   349 O  O   . LEU A 1 47 ? -8.534  0.494   -3.113  1.00 27.71 ? 46  LEU A O   1 
ATOM   350 C  CB  . LEU A 1 47 ? -7.784  2.359   -1.376  1.00 25.86 ? 46  LEU A CB  1 
ATOM   351 C  CG  . LEU A 1 47 ? -6.978  2.874   -0.191  1.00 25.26 ? 46  LEU A CG  1 
ATOM   352 C  CD1 . LEU A 1 47 ? -5.800  3.758   -0.614  1.00 24.46 ? 46  LEU A CD1 1 
ATOM   353 C  CD2 . LEU A 1 47 ? -7.817  3.711   0.772   1.00 24.50 ? 46  LEU A CD2 1 
ATOM   354 N  N   . GLU A 1 48 ? -7.038  1.075   -4.714  1.00 28.52 ? 47  GLU A N   1 
ATOM   355 C  CA  . GLU A 1 48 ? -7.517  0.110   -5.697  1.00 29.76 ? 47  GLU A CA  1 
ATOM   356 C  C   . GLU A 1 48 ? -6.628  -1.143  -5.737  1.00 29.49 ? 47  GLU A C   1 
ATOM   357 O  O   . GLU A 1 48 ? -5.387  -1.049  -5.632  1.00 28.21 ? 47  GLU A O   1 
ATOM   358 C  CB  . GLU A 1 48 ? -7.539  0.719   -7.102  1.00 32.11 ? 47  GLU A CB  1 
ATOM   359 C  CG  . GLU A 1 48 ? -6.218  1.369   -7.517  1.00 34.48 ? 47  GLU A CG  1 
ATOM   360 C  CD  . GLU A 1 48 ? -6.429  2.746   -8.141  1.00 35.00 ? 47  GLU A CD  1 
ATOM   361 O  OE1 . GLU A 1 48 ? -7.619  3.234   -8.205  1.00 35.00 ? 47  GLU A OE1 1 
ATOM   362 O  OE2 . GLU A 1 48 ? -5.424  3.415   -8.594  1.00 35.00 ? 47  GLU A OE2 1 
ATOM   363 N  N   . GLU A 1 49 ? -7.335  -2.271  -5.882  1.00 29.13 ? 48  GLU A N   1 
ATOM   364 C  CA  . GLU A 1 49 ? -6.682  -3.585  -5.952  1.00 29.50 ? 48  GLU A CA  1 
ATOM   365 C  C   . GLU A 1 49 ? -5.872  -3.803  -4.679  1.00 28.01 ? 48  GLU A C   1 
ATOM   366 O  O   . GLU A 1 49 ? -6.405  -3.491  -3.583  1.00 28.88 ? 48  GLU A O   1 
ATOM   367 C  CB  . GLU A 1 49 ? -5.716  -3.755  -7.137  1.00 32.87 ? 48  GLU A CB  1 
ATOM   368 C  CG  . GLU A 1 49 ? -6.335  -3.669  -8.545  1.00 35.00 ? 48  GLU A CG  1 
ATOM   369 C  CD  . GLU A 1 49 ? -7.595  -4.517  -8.624  1.00 35.00 ? 48  GLU A CD  1 
ATOM   370 O  OE1 . GLU A 1 49 ? -7.564  -5.715  -8.379  1.00 35.00 ? 48  GLU A OE1 1 
ATOM   371 O  OE2 . GLU A 1 49 ? -8.651  -3.905  -8.907  1.00 35.00 ? 48  GLU A OE2 1 
ATOM   372 N  N   . ASN A 1 50 ? -4.661  -4.283  -4.841  1.00 25.58 ? 49  ASN A N   1 
ATOM   373 C  CA  . ASN A 1 50 ? -3.804  -4.553  -3.647  1.00 24.42 ? 49  ASN A CA  1 
ATOM   374 C  C   . ASN A 1 50 ? -2.468  -3.881  -3.883  1.00 23.86 ? 49  ASN A C   1 
ATOM   375 O  O   . ASN A 1 50 ? -1.379  -4.444  -3.672  1.00 25.96 ? 49  ASN A O   1 
ATOM   376 C  CB  . ASN A 1 50 ? -3.732  -6.075  -3.449  1.00 22.19 ? 49  ASN A CB  1 
ATOM   377 C  CG  . ASN A 1 50 ? -2.993  -6.691  -4.636  1.00 22.04 ? 49  ASN A CG  1 
ATOM   378 O  OD1 . ASN A 1 50 ? -3.120  -6.251  -5.793  1.00 20.37 ? 49  ASN A OD1 1 
ATOM   379 N  ND2 . ASN A 1 50 ? -2.141  -7.678  -4.351  1.00 22.63 ? 49  ASN A ND2 1 
ATOM   380 N  N   . TYR A 1 51 ? -2.543  -2.649  -4.336  1.00 22.73 ? 50  TYR A N   1 
ATOM   381 C  CA  . TYR A 1 51 ? -1.342  -1.872  -4.630  1.00 21.31 ? 50  TYR A CA  1 
ATOM   382 C  C   . TYR A 1 51 ? -0.925  -1.034  -3.413  1.00 20.86 ? 50  TYR A C   1 
ATOM   383 O  O   . TYR A 1 51 ? -1.747  -0.693  -2.581  1.00 19.95 ? 50  TYR A O   1 
ATOM   384 C  CB  . TYR A 1 51 ? -1.564  -0.938  -5.807  1.00 20.08 ? 50  TYR A CB  1 
ATOM   385 C  CG  . TYR A 1 51 ? -2.132  -1.495  -7.072  1.00 18.47 ? 50  TYR A CG  1 
ATOM   386 C  CD1 . TYR A 1 51 ? -1.790  -2.732  -7.621  1.00 18.99 ? 50  TYR A CD1 1 
ATOM   387 C  CD2 . TYR A 1 51 ? -3.053  -0.688  -7.742  1.00 18.32 ? 50  TYR A CD2 1 
ATOM   388 C  CE1 . TYR A 1 51 ? -2.364  -3.131  -8.852  1.00 20.68 ? 50  TYR A CE1 1 
ATOM   389 C  CE2 . TYR A 1 51 ? -3.629  -1.026  -8.964  1.00 18.36 ? 50  TYR A CE2 1 
ATOM   390 C  CZ  . TYR A 1 51 ? -3.264  -2.264  -9.509  1.00 20.25 ? 50  TYR A CZ  1 
ATOM   391 O  OH  . TYR A 1 51 ? -3.810  -2.603  -10.707 1.00 19.22 ? 50  TYR A OH  1 
ATOM   392 N  N   . CYS A 1 52 ? 0.340   -0.720  -3.443  1.00 20.84 ? 51  CYS A N   1 
ATOM   393 C  CA  . CYS A 1 52 ? 1.138   0.058   -2.532  1.00 20.30 ? 51  CYS A CA  1 
ATOM   394 C  C   . CYS A 1 52 ? 0.719   1.530   -2.671  1.00 22.15 ? 51  CYS A C   1 
ATOM   395 O  O   . CYS A 1 52 ? 0.863   2.141   -3.740  1.00 21.40 ? 51  CYS A O   1 
ATOM   396 C  CB  . CYS A 1 52 ? 2.614   -0.170  -2.831  1.00 19.61 ? 51  CYS A CB  1 
ATOM   397 S  SG  . CYS A 1 52 ? 3.116   -1.953  -2.723  1.00 20.37 ? 51  CYS A SG  1 
ATOM   398 N  N   . ARG A 1 53 ? 0.174   2.050   -1.579  1.00 22.39 ? 52  ARG A N   1 
ATOM   399 C  CA  . ARG A 1 53 ? -0.265  3.456   -1.496  1.00 23.14 ? 52  ARG A CA  1 
ATOM   400 C  C   . ARG A 1 53 ? 0.362   4.100   -0.244  1.00 24.08 ? 52  ARG A C   1 
ATOM   401 O  O   . ARG A 1 53 ? 1.197   3.492   0.441   1.00 24.73 ? 52  ARG A O   1 
ATOM   402 C  CB  . ARG A 1 53 ? -1.808  3.550   -1.432  1.00 22.28 ? 52  ARG A CB  1 
ATOM   403 C  CG  . ARG A 1 53 ? -2.533  2.941   -2.653  1.00 22.82 ? 52  ARG A CG  1 
ATOM   404 C  CD  . ARG A 1 53 ? -2.711  3.906   -3.842  1.00 21.79 ? 52  ARG A CD  1 
ATOM   405 N  NE  . ARG A 1 53 ? -1.748  3.622   -4.880  1.00 20.69 ? 52  ARG A NE  1 
ATOM   406 C  CZ  . ARG A 1 53 ? -1.951  3.102   -6.099  1.00 20.47 ? 52  ARG A CZ  1 
ATOM   407 N  NH1 . ARG A 1 53 ? -3.161  2.819   -6.601  1.00 18.95 ? 52  ARG A NH1 1 
ATOM   408 N  NH2 . ARG A 1 53 ? -0.936  2.779   -6.889  1.00 19.90 ? 52  ARG A NH2 1 
ATOM   409 N  N   . ASN A 1 54 ? -0.044  5.327   0.012   1.00 23.75 ? 53  ASN A N   1 
ATOM   410 C  CA  . ASN A 1 54 ? 0.413   6.107   1.181   1.00 23.49 ? 53  ASN A CA  1 
ATOM   411 C  C   . ASN A 1 54 ? -0.732  7.038   1.591   1.00 22.46 ? 53  ASN A C   1 
ATOM   412 O  O   . ASN A 1 54 ? -0.655  8.263   1.392   1.00 20.63 ? 53  ASN A O   1 
ATOM   413 C  CB  . ASN A 1 54 ? 1.695   6.874   0.834   1.00 23.26 ? 53  ASN A CB  1 
ATOM   414 C  CG  . ASN A 1 54 ? 2.294   7.623   2.031   1.00 24.87 ? 53  ASN A CG  1 
ATOM   415 O  OD1 . ASN A 1 54 ? 1.698   7.642   3.106   1.00 28.31 ? 53  ASN A OD1 1 
ATOM   416 N  ND2 . ASN A 1 54 ? 3.447   8.259   1.907   1.00 24.05 ? 53  ASN A ND2 1 
ATOM   417 N  N   . PRO A 1 55 ? -1.799  6.443   2.150   1.00 24.00 ? 54  PRO A N   1 
ATOM   418 C  CA  . PRO A 1 55 ? -3.010  7.157   2.551   1.00 24.72 ? 54  PRO A CA  1 
ATOM   419 C  C   . PRO A 1 55 ? -2.812  8.150   3.696   1.00 25.45 ? 54  PRO A C   1 
ATOM   420 O  O   . PRO A 1 55 ? -3.741  8.928   3.989   1.00 25.97 ? 54  PRO A O   1 
ATOM   421 C  CB  . PRO A 1 55 ? -3.925  6.070   3.073   1.00 24.43 ? 54  PRO A CB  1 
ATOM   422 C  CG  . PRO A 1 55 ? -3.185  4.747   2.979   1.00 24.60 ? 54  PRO A CG  1 
ATOM   423 C  CD  . PRO A 1 55 ? -1.832  4.996   2.393   1.00 24.72 ? 54  PRO A CD  1 
ATOM   424 N  N   . ASP A 1 56 ? -1.626  7.978   4.257   1.00 26.14 ? 55  ASP A N   1 
ATOM   425 C  CA  . ASP A 1 56 ? -1.345  8.774   5.464   1.00 27.63 ? 55  ASP A CA  1 
ATOM   426 C  C   . ASP A 1 56 ? -0.091  9.606   5.437   1.00 27.95 ? 55  ASP A C   1 
ATOM   427 O  O   . ASP A 1 56 ? 0.332   10.106  6.511   1.00 27.25 ? 55  ASP A O   1 
ATOM   428 C  CB  . ASP A 1 56 ? -1.528  7.745   6.612   1.00 28.95 ? 55  ASP A CB  1 
ATOM   429 C  CG  . ASP A 1 56 ? -0.476  6.648   6.578   1.00 31.02 ? 55  ASP A CG  1 
ATOM   430 O  OD1 . ASP A 1 56 ? -0.116  6.187   5.458   1.00 33.20 ? 55  ASP A OD1 1 
ATOM   431 O  OD2 . ASP A 1 56 ? 0.023   6.253   7.640   1.00 30.93 ? 55  ASP A OD2 1 
ATOM   432 N  N   . ASN A 1 57 ? 0.462   9.822   4.255   1.00 27.53 ? 56  ASN A N   1 
ATOM   433 C  CA  . ASN A 1 57 ? 1.662   10.660  4.115   1.00 28.00 ? 56  ASN A CA  1 
ATOM   434 C  C   . ASN A 1 57 ? 2.778   10.194  5.082   1.00 28.02 ? 56  ASN A C   1 
ATOM   435 O  O   . ASN A 1 57 ? 3.520   10.966  5.752   1.00 28.00 ? 56  ASN A O   1 
ATOM   436 C  CB  . ASN A 1 57 ? 1.253   12.148  4.104   1.00 28.29 ? 56  ASN A CB  1 
ATOM   437 C  CG  . ASN A 1 57 ? 2.355   13.027  3.515   1.00 30.14 ? 56  ASN A CG  1 
ATOM   438 O  OD1 . ASN A 1 57 ? 3.342   13.431  4.174   1.00 31.84 ? 56  ASN A OD1 1 
ATOM   439 N  ND2 . ASN A 1 57 ? 2.309   13.339  2.221   1.00 30.54 ? 56  ASN A ND2 1 
ATOM   440 N  N   . ASP A 1 58 ? 2.939   8.861   5.113   1.00 26.42 ? 57  ASP A N   1 
ATOM   441 C  CA  . ASP A 1 58 ? 3.947   8.108   5.881   1.00 23.98 ? 57  ASP A CA  1 
ATOM   442 C  C   . ASP A 1 58 ? 5.277   8.585   5.261   1.00 23.73 ? 57  ASP A C   1 
ATOM   443 O  O   . ASP A 1 58 ? 5.387   8.649   4.017   1.00 23.97 ? 57  ASP A O   1 
ATOM   444 C  CB  . ASP A 1 58 ? 3.714   6.615   5.791   1.00 21.28 ? 57  ASP A CB  1 
ATOM   445 C  CG  . ASP A 1 58 ? 4.723   5.676   6.395   1.00 20.05 ? 57  ASP A CG  1 
ATOM   446 O  OD1 . ASP A 1 58 ? 5.847   6.207   6.599   1.00 21.44 ? 57  ASP A OD1 1 
ATOM   447 O  OD2 . ASP A 1 58 ? 4.531   4.489   6.718   1.00 17.61 ? 57  ASP A OD2 1 
ATOM   448 N  N   . PRO A 1 59 ? 6.215   8.891   6.128   1.00 23.55 ? 58  PRO A N   1 
ATOM   449 C  CA  . PRO A 1 59 ? 7.501   9.442   5.736   1.00 24.42 ? 58  PRO A CA  1 
ATOM   450 C  C   . PRO A 1 59 ? 8.428   8.424   5.067   1.00 24.73 ? 58  PRO A C   1 
ATOM   451 O  O   . PRO A 1 59 ? 9.430   8.806   4.407   1.00 26.16 ? 58  PRO A O   1 
ATOM   452 C  CB  . PRO A 1 59 ? 8.131   9.950   7.023   1.00 24.56 ? 58  PRO A CB  1 
ATOM   453 C  CG  . PRO A 1 59 ? 7.223   9.585   8.150   1.00 24.81 ? 58  PRO A CG  1 
ATOM   454 C  CD  . PRO A 1 59 ? 6.024   8.867   7.586   1.00 24.76 ? 58  PRO A CD  1 
ATOM   455 N  N   . GLN A 1 60 ? 8.114   7.163   5.246   1.00 23.04 ? 59  GLN A N   1 
ATOM   456 C  CA  . GLN A 1 60 ? 8.900   6.066   4.679   1.00 22.16 ? 59  GLN A CA  1 
ATOM   457 C  C   . GLN A 1 60 ? 8.455   5.665   3.277   1.00 21.98 ? 59  GLN A C   1 
ATOM   458 O  O   . GLN A 1 60 ? 9.175   4.858   2.653   1.00 21.33 ? 59  GLN A O   1 
ATOM   459 C  CB  . GLN A 1 60 ? 9.075   4.899   5.675   1.00 19.43 ? 59  GLN A CB  1 
ATOM   460 C  CG  . GLN A 1 60 ? 9.852   5.472   6.899   1.00 16.84 ? 59  GLN A CG  1 
ATOM   461 C  CD  . GLN A 1 60 ? 9.973   4.444   8.007   1.00 16.00 ? 59  GLN A CD  1 
ATOM   462 O  OE1 . GLN A 1 60 ? 11.083  4.307   8.446   1.00 12.90 ? 59  GLN A OE1 1 
ATOM   463 N  NE2 . GLN A 1 60 ? 8.870   3.742   8.365   1.00 13.85 ? 59  GLN A NE2 1 
ATOM   464 N  N   . GLY A 1 61 ? 7.355   6.259   2.823   1.00 21.90 ? 60  GLY A N   1 
ATOM   465 C  CA  . GLY A 1 61 ? 6.847   5.987   1.474   1.00 21.88 ? 60  GLY A CA  1 
ATOM   466 C  C   . GLY A 1 61 ? 5.810   4.881   1.418   1.00 22.06 ? 60  GLY A C   1 
ATOM   467 O  O   . GLY A 1 61 ? 5.388   4.451   2.502   1.00 21.29 ? 60  GLY A O   1 
ATOM   468 N  N   . PRO A 1 62 ? 5.446   4.506   0.172   1.00 22.02 ? 61  PRO A N   1 
ATOM   469 C  CA  . PRO A 1 62 ? 4.473   3.432   -0.121  1.00 21.55 ? 61  PRO A CA  1 
ATOM   470 C  C   . PRO A 1 62 ? 4.613   2.086   0.567   1.00 20.71 ? 61  PRO A C   1 
ATOM   471 O  O   . PRO A 1 62 ? 5.630   1.352   0.604   1.00 21.17 ? 61  PRO A O   1 
ATOM   472 C  CB  . PRO A 1 62 ? 4.411   3.287   -1.655  1.00 21.36 ? 61  PRO A CB  1 
ATOM   473 C  CG  . PRO A 1 62 ? 5.273   4.363   -2.190  1.00 22.14 ? 61  PRO A CG  1 
ATOM   474 C  CD  . PRO A 1 62 ? 5.958   5.127   -1.068  1.00 21.08 ? 61  PRO A CD  1 
ATOM   475 N  N   . TRP A 1 63 ? 3.487   1.718   1.147   1.00 19.24 ? 62  TRP A N   1 
ATOM   476 C  CA  . TRP A 1 63 ? 3.315   0.484   1.921   1.00 19.66 ? 62  TRP A CA  1 
ATOM   477 C  C   . TRP A 1 63 ? 1.958   -0.063  1.496   1.00 19.36 ? 62  TRP A C   1 
ATOM   478 O  O   . TRP A 1 63 ? 1.308   0.568   0.648   1.00 20.03 ? 62  TRP A O   1 
ATOM   479 C  CB  . TRP A 1 63 ? 3.445   0.757   3.461   1.00 19.58 ? 62  TRP A CB  1 
ATOM   480 C  CG  . TRP A 1 63 ? 2.461   1.785   3.921   1.00 18.77 ? 62  TRP A CG  1 
ATOM   481 C  CD1 . TRP A 1 63 ? 2.615   3.147   3.955   1.00 18.46 ? 62  TRP A CD1 1 
ATOM   482 C  CD2 . TRP A 1 63 ? 1.100   1.540   4.312   1.00 19.04 ? 62  TRP A CD2 1 
ATOM   483 N  NE1 . TRP A 1 63 ? 1.434   3.767   4.353   1.00 19.08 ? 62  TRP A NE1 1 
ATOM   484 C  CE2 . TRP A 1 63 ? 0.511   2.808   4.604   1.00 18.15 ? 62  TRP A CE2 1 
ATOM   485 C  CE3 . TRP A 1 63 ? 0.364   0.364   4.476   1.00 18.07 ? 62  TRP A CE3 1 
ATOM   486 C  CZ2 . TRP A 1 63 ? -0.801  2.943   5.028   1.00 17.99 ? 62  TRP A CZ2 1 
ATOM   487 C  CZ3 . TRP A 1 63 ? -0.948  0.511   4.884   1.00 18.49 ? 62  TRP A CZ3 1 
ATOM   488 C  CH2 . TRP A 1 63 ? -1.523  1.751   5.168   1.00 17.97 ? 62  TRP A CH2 1 
ATOM   489 N  N   . CYS A 1 64 ? 1.573   -1.177  2.060   1.00 20.12 ? 63  CYS A N   1 
ATOM   490 C  CA  . CYS A 1 64 ? 0.315   -1.872  1.854   1.00 20.26 ? 63  CYS A CA  1 
ATOM   491 C  C   . CYS A 1 64 ? 0.119   -2.876  3.002   1.00 20.62 ? 63  CYS A C   1 
ATOM   492 O  O   . CYS A 1 64 ? 1.041   -3.361  3.690   1.00 19.94 ? 63  CYS A O   1 
ATOM   493 C  CB  . CYS A 1 64 ? 0.307   -2.670  0.531   1.00 21.70 ? 63  CYS A CB  1 
ATOM   494 S  SG  . CYS A 1 64 ? 1.385   -4.168  0.683   1.00 21.03 ? 63  CYS A SG  1 
ATOM   495 N  N   . TYR A 1 65 ? -1.161  -3.211  3.107   1.00 21.74 ? 64  TYR A N   1 
ATOM   496 C  CA  . TYR A 1 65 ? -1.555  -4.236  4.134   1.00 23.05 ? 64  TYR A CA  1 
ATOM   497 C  C   . TYR A 1 65 ? -1.014  -5.533  3.526   1.00 23.10 ? 64  TYR A C   1 
ATOM   498 O  O   . TYR A 1 65 ? -1.066  -5.774  2.286   1.00 21.18 ? 64  TYR A O   1 
ATOM   499 C  CB  . TYR A 1 65 ? -3.048  -4.122  4.486   1.00 24.43 ? 64  TYR A CB  1 
ATOM   500 C  CG  . TYR A 1 65 ? -3.422  -2.997  5.439   1.00 25.26 ? 64  TYR A CG  1 
ATOM   501 C  CD1 . TYR A 1 65 ? -2.901  -3.000  6.734   1.00 25.67 ? 64  TYR A CD1 1 
ATOM   502 C  CD2 . TYR A 1 65 ? -4.260  -1.928  5.105   1.00 26.08 ? 64  TYR A CD2 1 
ATOM   503 C  CE1 . TYR A 1 65 ? -3.216  -1.980  7.626   1.00 26.51 ? 64  TYR A CE1 1 
ATOM   504 C  CE2 . TYR A 1 65 ? -4.586  -0.887  5.983   1.00 25.09 ? 64  TYR A CE2 1 
ATOM   505 C  CZ  . TYR A 1 65 ? -4.044  -0.917  7.248   1.00 25.84 ? 64  TYR A CZ  1 
ATOM   506 O  OH  . TYR A 1 65 ? -4.290  0.044   8.203   1.00 27.39 ? 64  TYR A OH  1 
ATOM   507 N  N   . THR A 1 66 ? -0.474  -6.360  4.399   1.00 24.18 ? 65  THR A N   1 
ATOM   508 C  CA  . THR A 1 66 ? 0.142   -7.643  3.961   1.00 25.91 ? 65  THR A CA  1 
ATOM   509 C  C   . THR A 1 66 ? -0.882  -8.779  4.043   1.00 26.04 ? 65  THR A C   1 
ATOM   510 O  O   . THR A 1 66 ? -1.984  -8.619  4.589   1.00 24.36 ? 65  THR A O   1 
ATOM   511 C  CB  . THR A 1 66 ? 1.457   -7.977  4.753   1.00 27.08 ? 65  THR A CB  1 
ATOM   512 O  OG1 . THR A 1 66 ? 2.536   -7.063  4.339   1.00 30.70 ? 65  THR A OG1 1 
ATOM   513 C  CG2 . THR A 1 66 ? 1.949   -9.400  4.641   1.00 28.58 ? 65  THR A CG2 1 
ATOM   514 N  N   . THR A 1 67 ? -0.428  -9.864  3.424   1.00 26.30 ? 66  THR A N   1 
ATOM   515 C  CA  . THR A 1 67 ? -1.177  -11.122 3.317   1.00 26.63 ? 66  THR A CA  1 
ATOM   516 C  C   . THR A 1 67 ? -0.639  -12.210 4.247   1.00 26.74 ? 66  THR A C   1 
ATOM   517 O  O   . THR A 1 67 ? -1.182  -13.331 4.325   1.00 27.27 ? 66  THR A O   1 
ATOM   518 C  CB  . THR A 1 67 ? -1.273  -11.602 1.795   1.00 25.38 ? 66  THR A CB  1 
ATOM   519 O  OG1 . THR A 1 67 ? 0.075   -11.829 1.299   1.00 23.48 ? 66  THR A OG1 1 
ATOM   520 C  CG2 . THR A 1 67 ? -2.084  -10.688 0.856   1.00 23.73 ? 66  THR A CG2 1 
ATOM   521 N  N   . ASP A 1 68 ? 0.471   -11.967 4.901   1.00 27.15 ? 67  ASP A N   1 
ATOM   522 C  CA  . ASP A 1 68 ? 1.113   -12.880 5.861   1.00 28.07 ? 67  ASP A CA  1 
ATOM   523 C  C   . ASP A 1 68 ? 0.459   -12.418 7.196   1.00 28.52 ? 67  ASP A C   1 
ATOM   524 O  O   . ASP A 1 68 ? 0.645   -11.257 7.593   1.00 28.10 ? 67  ASP A O   1 
ATOM   525 C  CB  . ASP A 1 68 ? 2.607   -12.888 5.824   1.00 28.88 ? 67  ASP A CB  1 
ATOM   526 C  CG  . ASP A 1 68 ? 3.161   -13.421 7.156   1.00 31.12 ? 67  ASP A CG  1 
ATOM   527 O  OD1 . ASP A 1 68 ? 2.513   -14.375 7.628   1.00 31.62 ? 67  ASP A OD1 1 
ATOM   528 O  OD2 . ASP A 1 68 ? 4.169   -12.915 7.691   1.00 31.58 ? 67  ASP A OD2 1 
ATOM   529 N  N   . PRO A 1 69 ? -0.341  -13.330 7.729   1.00 28.78 ? 68  PRO A N   1 
ATOM   530 C  CA  . PRO A 1 69 ? -1.118  -13.101 8.952   1.00 28.49 ? 68  PRO A CA  1 
ATOM   531 C  C   . PRO A 1 69 ? -0.286  -12.577 10.102  1.00 27.91 ? 68  PRO A C   1 
ATOM   532 O  O   . PRO A 1 69 ? -0.844  -11.932 11.006  1.00 28.59 ? 68  PRO A O   1 
ATOM   533 C  CB  . PRO A 1 69 ? -1.833  -14.385 9.288   1.00 28.11 ? 68  PRO A CB  1 
ATOM   534 C  CG  . PRO A 1 69 ? -1.420  -15.363 8.250   1.00 29.02 ? 68  PRO A CG  1 
ATOM   535 C  CD  . PRO A 1 69 ? -0.511  -14.700 7.229   1.00 28.37 ? 68  PRO A CD  1 
ATOM   536 N  N   . GLU A 1 70 ? 0.999   -12.800 10.067  1.00 28.12 ? 69  GLU A N   1 
ATOM   537 C  CA  . GLU A 1 70 ? 1.831   -12.263 11.145  1.00 28.85 ? 69  GLU A CA  1 
ATOM   538 C  C   . GLU A 1 70 ? 2.505   -10.974 10.754  1.00 28.80 ? 69  GLU A C   1 
ATOM   539 O  O   . GLU A 1 70 ? 3.255   -10.433 11.588  1.00 30.04 ? 69  GLU A O   1 
ATOM   540 C  CB  . GLU A 1 70 ? 2.800   -13.315 11.671  1.00 30.61 ? 69  GLU A CB  1 
ATOM   541 C  CG  . GLU A 1 70 ? 2.085   -14.178 12.745  1.00 33.88 ? 69  GLU A CG  1 
ATOM   542 C  CD  . GLU A 1 70 ? 2.237   -15.651 12.489  1.00 35.00 ? 69  GLU A CD  1 
ATOM   543 O  OE1 . GLU A 1 70 ? 3.474   -15.938 12.495  1.00 35.00 ? 69  GLU A OE1 1 
ATOM   544 O  OE2 . GLU A 1 70 ? 1.321   -16.447 12.282  1.00 35.00 ? 69  GLU A OE2 1 
ATOM   545 N  N   . LYS A 1 71 ? 2.293   -10.430 9.567   1.00 28.23 ? 70  LYS A N   1 
ATOM   546 C  CA  . LYS A 1 71 ? 2.895   -9.154  9.140   1.00 26.73 ? 70  LYS A CA  1 
ATOM   547 C  C   . LYS A 1 71 ? 1.765   -8.242  8.688   1.00 26.63 ? 70  LYS A C   1 
ATOM   548 O  O   . LYS A 1 71 ? 1.163   -8.425  7.614   1.00 27.49 ? 70  LYS A O   1 
ATOM   549 C  CB  . LYS A 1 71 ? 3.904   -9.340  8.026   1.00 26.31 ? 70  LYS A CB  1 
ATOM   550 C  CG  . LYS A 1 71 ? 4.570   -8.027  7.630   1.00 25.23 ? 70  LYS A CG  1 
ATOM   551 C  CD  . LYS A 1 71 ? 5.556   -7.508  8.678   1.00 23.20 ? 70  LYS A CD  1 
ATOM   552 C  CE  . LYS A 1 71 ? 6.415   -6.436  8.051   1.00 22.99 ? 70  LYS A CE  1 
ATOM   553 N  NZ  . LYS A 1 71 ? 7.324   -5.774  9.033   1.00 23.73 ? 70  LYS A NZ  1 
ATOM   554 N  N   . ARG A 1 72 ? 1.480   -7.257  9.504   1.00 26.68 ? 71  ARG A N   1 
ATOM   555 C  CA  . ARG A 1 72 ? 0.399   -6.294  9.275   1.00 27.03 ? 71  ARG A CA  1 
ATOM   556 C  C   . ARG A 1 72 ? 0.581   -5.449  8.035   1.00 25.50 ? 71  ARG A C   1 
ATOM   557 O  O   . ARG A 1 72 ? -0.181  -5.595  7.068   1.00 26.29 ? 71  ARG A O   1 
ATOM   558 C  CB  . ARG A 1 72 ? 0.091   -5.407  10.491  1.00 30.32 ? 71  ARG A CB  1 
ATOM   559 C  CG  . ARG A 1 72 ? -1.404  -5.407  10.821  1.00 32.44 ? 71  ARG A CG  1 
ATOM   560 C  CD  . ARG A 1 72 ? -1.979  -4.030  10.837  1.00 35.00 ? 71  ARG A CD  1 
ATOM   561 N  NE  . ARG A 1 72 ? -3.438  -4.108  10.680  1.00 35.00 ? 71  ARG A NE  1 
ATOM   562 C  CZ  . ARG A 1 72 ? -4.297  -3.155  11.088  1.00 35.00 ? 71  ARG A CZ  1 
ATOM   563 N  NH1 . ARG A 1 72 ? -4.188  -1.831  10.824  1.00 35.00 ? 71  ARG A NH1 1 
ATOM   564 N  NH2 . ARG A 1 72 ? -5.315  -3.626  11.820  1.00 35.00 ? 71  ARG A NH2 1 
ATOM   565 N  N   . TYR A 1 73 ? 1.552   -4.586  8.065   1.00 24.12 ? 72  TYR A N   1 
ATOM   566 C  CA  . TYR A 1 73 ? 1.864   -3.695  6.945   1.00 23.68 ? 72  TYR A CA  1 
ATOM   567 C  C   . TYR A 1 73 ? 3.392   -3.856  6.748   1.00 23.69 ? 72  TYR A C   1 
ATOM   568 O  O   . TYR A 1 73 ? 4.057   -4.531  7.565   1.00 23.84 ? 72  TYR A O   1 
ATOM   569 C  CB  . TYR A 1 73 ? 1.392   -2.247  7.112   1.00 23.99 ? 72  TYR A CB  1 
ATOM   570 C  CG  . TYR A 1 73 ? 2.355   -1.279  7.756   1.00 25.09 ? 72  TYR A CG  1 
ATOM   571 C  CD1 . TYR A 1 73 ? 3.308   -0.579  6.980   1.00 24.76 ? 72  TYR A CD1 1 
ATOM   572 C  CD2 . TYR A 1 73 ? 2.354   -1.053  9.144   1.00 25.53 ? 72  TYR A CD2 1 
ATOM   573 C  CE1 . TYR A 1 73 ? 4.222   0.287   7.552   1.00 24.28 ? 72  TYR A CE1 1 
ATOM   574 C  CE2 . TYR A 1 73 ? 3.261   -0.160  9.728   1.00 26.08 ? 72  TYR A CE2 1 
ATOM   575 C  CZ  . TYR A 1 73 ? 4.204   0.507   8.932   1.00 24.90 ? 72  TYR A CZ  1 
ATOM   576 O  OH  . TYR A 1 73 ? 5.095   1.368   9.487   1.00 22.48 ? 72  TYR A OH  1 
ATOM   577 N  N   . ASP A 1 74 ? 3.851   -3.267  5.666   1.00 21.59 ? 73  ASP A N   1 
ATOM   578 C  CA  . ASP A 1 74 ? 5.221   -3.228  5.240   1.00 19.82 ? 73  ASP A CA  1 
ATOM   579 C  C   . ASP A 1 74 ? 5.298   -2.388  3.960   1.00 20.25 ? 73  ASP A C   1 
ATOM   580 O  O   . ASP A 1 74 ? 4.317   -2.291  3.181   1.00 18.86 ? 73  ASP A O   1 
ATOM   581 C  CB  . ASP A 1 74 ? 5.735   -4.635  5.208   1.00 19.79 ? 73  ASP A CB  1 
ATOM   582 C  CG  . ASP A 1 74 ? 7.235   -4.732  5.440   1.00 19.53 ? 73  ASP A CG  1 
ATOM   583 O  OD1 . ASP A 1 74 ? 7.960   -3.744  5.670   1.00 17.86 ? 73  ASP A OD1 1 
ATOM   584 O  OD2 . ASP A 1 74 ? 7.621   -5.916  5.407   1.00 21.94 ? 73  ASP A OD2 1 
ATOM   585 N  N   . TYR A 1 75 ? 6.476   -1.775  3.843   1.00 19.87 ? 74  TYR A N   1 
ATOM   586 C  CA  . TYR A 1 75 ? 6.831   -0.879  2.720   1.00 19.98 ? 74  TYR A CA  1 
ATOM   587 C  C   . TYR A 1 75 ? 7.017   -1.569  1.372   1.00 19.02 ? 74  TYR A C   1 
ATOM   588 O  O   . TYR A 1 75 ? 7.170   -2.790  1.262   1.00 17.22 ? 74  TYR A O   1 
ATOM   589 C  CB  . TYR A 1 75 ? 8.048   0.002   3.182   1.00 19.63 ? 74  TYR A CB  1 
ATOM   590 C  CG  . TYR A 1 75 ? 7.607   0.859   4.359   1.00 21.63 ? 74  TYR A CG  1 
ATOM   591 C  CD1 . TYR A 1 75 ? 6.757   1.959   4.153   1.00 21.51 ? 74  TYR A CD1 1 
ATOM   592 C  CD2 . TYR A 1 75 ? 7.928   0.550   5.684   1.00 22.54 ? 74  TYR A CD2 1 
ATOM   593 C  CE1 . TYR A 1 75 ? 6.314   2.728   5.210   1.00 21.56 ? 74  TYR A CE1 1 
ATOM   594 C  CE2 . TYR A 1 75 ? 7.495   1.313   6.761   1.00 22.00 ? 74  TYR A CE2 1 
ATOM   595 C  CZ  . TYR A 1 75 ? 6.679   2.401   6.516   1.00 22.49 ? 74  TYR A CZ  1 
ATOM   596 O  OH  . TYR A 1 75 ? 6.256   3.165   7.580   1.00 22.46 ? 74  TYR A OH  1 
ATOM   597 N  N   . CYS A 1 76 ? 6.949   -0.807  0.283   1.00 19.65 ? 75  CYS A N   1 
ATOM   598 C  CA  . CYS A 1 76 ? 7.207   -1.358  -1.086  1.00 21.23 ? 75  CYS A CA  1 
ATOM   599 C  C   . CYS A 1 76 ? 8.421   -0.913  -1.729  1.00 22.67 ? 75  CYS A C   1 
ATOM   600 O  O   . CYS A 1 76 ? 8.740   0.265   -1.421  1.00 23.54 ? 75  CYS A O   1 
ATOM   601 C  CB  . CYS A 1 76 ? 5.926   -1.066  -1.865  1.00 21.48 ? 75  CYS A CB  1 
ATOM   602 S  SG  . CYS A 1 76 ? 4.453   -1.972  -1.187  1.00 19.35 ? 75  CYS A SG  1 
ATOM   603 N  N   . ASP A 1 77 ? 9.107   -1.757  -2.484  1.00 24.11 ? 76  ASP A N   1 
ATOM   604 C  CA  . ASP A 1 77 ? 10.361  -1.293  -3.138  1.00 27.79 ? 76  ASP A CA  1 
ATOM   605 C  C   . ASP A 1 77 ? 9.981   -0.622  -4.467  1.00 28.88 ? 76  ASP A C   1 
ATOM   606 O  O   . ASP A 1 77 ? 10.073  -1.240  -5.544  1.00 29.24 ? 76  ASP A O   1 
ATOM   607 C  CB  . ASP A 1 77 ? 11.439  -2.354  -3.174  1.00 30.62 ? 76  ASP A CB  1 
ATOM   608 C  CG  . ASP A 1 77 ? 12.461  -2.329  -4.303  1.00 34.60 ? 76  ASP A CG  1 
ATOM   609 O  OD1 . ASP A 1 77 ? 13.109  -1.268  -4.582  1.00 35.00 ? 76  ASP A OD1 1 
ATOM   610 O  OD2 . ASP A 1 77 ? 12.721  -3.361  -5.001  1.00 35.00 ? 76  ASP A OD2 1 
ATOM   611 N  N   . ILE A 1 78 ? 9.584   0.657   -4.416  1.00 30.19 ? 77  ILE A N   1 
ATOM   612 C  CA  . ILE A 1 78 ? 9.152   1.395   -5.617  1.00 31.20 ? 77  ILE A CA  1 
ATOM   613 C  C   . ILE A 1 78 ? 10.271  2.125   -6.321  1.00 32.17 ? 77  ILE A C   1 
ATOM   614 O  O   . ILE A 1 78 ? 10.917  2.945   -5.645  1.00 32.12 ? 77  ILE A O   1 
ATOM   615 C  CB  . ILE A 1 78 ? 8.042   2.440   -5.257  1.00 31.95 ? 77  ILE A CB  1 
ATOM   616 C  CG1 . ILE A 1 78 ? 6.797   1.797   -4.603  1.00 33.46 ? 77  ILE A CG1 1 
ATOM   617 C  CG2 . ILE A 1 78 ? 7.723   3.332   -6.505  1.00 31.19 ? 77  ILE A CG2 1 
ATOM   618 C  CD1 . ILE A 1 78 ? 6.160   0.484   -5.197  1.00 31.70 ? 77  ILE A CD1 1 
ATOM   619 N  N   . LEU A 1 79 ? 10.465  1.875   -7.622  1.00 33.76 ? 78  LEU A N   1 
ATOM   620 C  CA  . LEU A 1 79 ? 11.580  2.591   -8.292  1.00 34.37 ? 78  LEU A CA  1 
ATOM   621 C  C   . LEU A 1 79 ? 11.473  4.097   -8.084  1.00 34.44 ? 78  LEU A C   1 
ATOM   622 O  O   . LEU A 1 79 ? 10.445  4.765   -8.115  1.00 34.42 ? 78  LEU A O   1 
ATOM   623 C  CB  . LEU A 1 79 ? 12.008  2.086   -9.656  1.00 34.45 ? 78  LEU A CB  1 
ATOM   624 C  CG  . LEU A 1 79 ? 13.280  1.207   -9.585  1.00 35.00 ? 78  LEU A CG  1 
ATOM   625 C  CD1 . LEU A 1 79 ? 13.362  0.454   -8.255  1.00 35.00 ? 78  LEU A CD1 1 
ATOM   626 C  CD2 . LEU A 1 79 ? 13.279  0.162   -10.703 1.00 35.00 ? 78  LEU A CD2 1 
ATOM   627 N  N   . GLU A 1 80 ? 12.695  4.551   -7.801  1.00 34.76 ? 79  GLU A N   1 
ATOM   628 C  CA  . GLU A 1 80 ? 12.965  5.951   -7.511  1.00 35.00 ? 79  GLU A CA  1 
ATOM   629 C  C   . GLU A 1 80 ? 12.791  6.741   -8.802  1.00 35.00 ? 79  GLU A C   1 
ATOM   630 O  O   . GLU A 1 80 ? 13.230  6.325   -9.886  1.00 35.00 ? 79  GLU A O   1 
ATOM   631 C  CB  . GLU A 1 80 ? 14.364  6.192   -6.960  1.00 35.00 ? 79  GLU A CB  1 
ATOM   632 C  CG  . GLU A 1 80 ? 14.358  7.167   -5.781  1.00 35.00 ? 79  GLU A CG  1 
ATOM   633 C  CD  . GLU A 1 80 ? 13.134  8.071   -5.847  1.00 35.00 ? 79  GLU A CD  1 
ATOM   634 O  OE1 . GLU A 1 80 ? 13.077  9.043   -6.606  1.00 35.00 ? 79  GLU A OE1 1 
ATOM   635 O  OE2 . GLU A 1 80 ? 12.246  7.653   -5.031  1.00 35.00 ? 79  GLU A OE2 1 
ATOM   636 N  N   . CYS A 1 81 ? 12.137  7.862   -8.608  1.00 35.00 ? 80  CYS A N   1 
ATOM   637 C  CA  . CYS A 1 81 ? 11.845  8.720   -9.768  1.00 35.00 ? 80  CYS A CA  1 
ATOM   638 C  C   . CYS A 1 81 ? 12.844  9.873   -9.821  1.00 35.00 ? 80  CYS A C   1 
ATOM   639 O  O   . CYS A 1 81 ? 13.596  9.859   -10.863 1.00 35.00 ? 80  CYS A O   1 
ATOM   640 C  CB  . CYS A 1 81 ? 10.371  9.063   -9.685  1.00 35.00 ? 80  CYS A CB  1 
ATOM   641 S  SG  . CYS A 1 81 ? 9.487   9.276   -11.206 1.00 35.00 ? 80  CYS A SG  1 
HETATM 642 CL CL  . CL  B 2 .  ? -5.671  -6.242  11.717  0.46 29.32 ? 90  CL  A CL  1 
HETATM 643 CL CL  . CL  C 2 .  ? -2.352  3.364   9.560   0.56 35.00 ? 91  CL  A CL  1 
HETATM 644 O  O   . HOH D 3 .  ? 2.897   -7.030  12.470  1.00 33.74 ? 101 HOH A O   1 
HETATM 645 O  O   . HOH D 3 .  ? -3.261  -2.962  1.419   1.00 12.11 ? 102 HOH A O   1 
HETATM 646 O  O   . HOH D 3 .  ? 0.293   1.744   8.396   0.68 18.18 ? 105 HOH A O   1 
HETATM 647 O  O   . HOH D 3 .  ? -17.951 -5.037  9.837   0.63 16.78 ? 106 HOH A O   1 
HETATM 648 O  O   . HOH D 3 .  ? 5.772   10.127  -6.038  1.00 29.19 ? 107 HOH A O   1 
HETATM 649 O  O   . HOH D 3 .  ? -9.739  5.463   -2.215  0.91 26.42 ? 108 HOH A O   1 
HETATM 650 O  O   . HOH D 3 .  ? -6.655  -9.980  -0.815  1.00 29.81 ? 110 HOH A O   1 
HETATM 651 O  O   . HOH D 3 .  ? 8.044   2.573   -0.001  1.00 18.97 ? 113 HOH A O   1 
HETATM 652 O  O   . HOH D 3 .  ? 11.979  -0.965  -0.184  0.77 35.00 ? 114 HOH A O   1 
HETATM 653 O  O   . HOH D 3 .  ? 7.532   12.680  4.072   0.43 7.00  ? 115 HOH A O   1 
HETATM 654 O  O   . HOH D 3 .  ? -10.743 -6.223  13.287  0.88 28.53 ? 116 HOH A O   1 
HETATM 655 O  O   . HOH D 3 .  ? 7.019   -8.005  3.468   0.80 34.60 ? 118 HOH A O   1 
HETATM 656 O  O   . HOH D 3 .  ? -3.005  8.390   10.269  0.52 16.24 ? 120 HOH A O   1 
HETATM 657 O  O   . HOH D 3 .  ? 1.303   -3.719  -14.318 0.67 21.14 ? 121 HOH A O   1 
HETATM 658 O  O   . HOH D 3 .  ? 10.127  11.986  3.545   0.87 33.82 ? 122 HOH A O   1 
HETATM 659 O  O   . HOH D 3 .  ? -12.260 5.129   -4.461  0.53 12.90 ? 123 HOH A O   1 
HETATM 660 O  O   . HOH D 3 .  ? 0.820   -15.090 1.667   0.78 25.07 ? 126 HOH A O   1 
HETATM 661 O  O   . HOH D 3 .  ? -16.022 -4.538  5.148   0.59 34.45 ? 128 HOH A O   1 
HETATM 662 O  O   . HOH D 3 .  ? 7.786   -4.293  -3.590  1.00 25.40 ? 129 HOH A O   1 
HETATM 663 O  O   . HOH D 3 .  ? 2.064   -6.354  -11.058 0.47 10.73 ? 130 HOH A O   1 
HETATM 664 O  O   . HOH D 3 .  ? 2.459   -1.951  -15.047 0.53 12.71 ? 132 HOH A O   1 
HETATM 665 O  O   . HOH D 3 .  ? 10.528  2.263   -2.462  1.00 33.92 ? 133 HOH A O   1 
HETATM 666 O  O   . HOH D 3 .  ? -8.511  -12.299 10.176  0.89 25.30 ? 202 HOH A O   1 
HETATM 667 O  O   . HOH D 3 .  ? 9.247   13.966  -12.084 0.24 25.24 ? 203 HOH A O   1 
HETATM 668 O  O   . HOH D 3 .  ? 13.971  10.345  -13.147 0.69 22.51 ? 204 HOH A O   1 
HETATM 669 O  O   . HOH D 3 .  ? 0.216   -17.395 9.345   0.86 30.32 ? 206 HOH A O   1 
HETATM 670 O  O   . HOH D 3 .  ? -4.865  -14.272 2.266   0.85 32.90 ? 207 HOH A O   1 
HETATM 671 O  O   . HOH D 3 .  ? -13.393 -8.852  0.121   0.42 16.11 ? 208 HOH A O   1 
HETATM 672 O  O   . HOH D 3 .  ? 12.344  5.117   -12.856 0.93 28.89 ? 213 HOH A O   1 
HETATM 673 O  O   . HOH D 3 .  ? 7.799   -10.810 9.989   0.31 12.06 ? 216 HOH A O   1 
HETATM 674 O  O   . HOH D 3 .  ? -4.285  -10.024 -2.700  0.81 16.10 ? 217 HOH A O   1 
HETATM 675 O  O   . HOH D 3 .  ? 1.059   12.816  -9.145  0.73 31.04 ? 220 HOH A O   1 
HETATM 676 O  O   . HOH D 3 .  ? 12.811  7.968   -14.043 0.56 16.21 ? 221 HOH A O   1 
HETATM 677 O  O   . HOH D 3 .  ? -3.448  -15.568 5.867   0.76 22.89 ? 223 HOH A O   1 
HETATM 678 O  O   . HOH D 3 .  ? -4.352  9.412   7.791   0.34 18.02 ? 224 HOH A O   1 
HETATM 679 O  O   . HOH D 3 .  ? -11.394 -2.415  6.387   0.78 35.00 ? 315 HOH A O   1 
HETATM 680 O  O   . HOH D 3 .  ? 0.958   2.160   -14.590 0.34 26.88 ? 322 HOH A O   1 
HETATM 681 O  O   . HOH D 3 .  ? -21.293 -6.502  9.199   0.75 12.45 ? 334 HOH A O   1 
HETATM 682 O  O   . HOH D 3 .  ? -5.465  16.274  -7.032  0.71 30.51 ? 350 HOH A O   1 
HETATM 683 O  O   . HOH D 3 .  ? -3.477  -6.403  -8.875  0.58 29.69 ? 365 HOH A O   1 
HETATM 684 O  O   . HOH D 3 .  ? -14.660 -2.813  2.536   0.36 25.70 ? 402 HOH A O   1 
HETATM 685 O  O   . HOH D 3 .  ? -10.434 10.699  0.993   0.60 28.15 ? 405 HOH A O   1 
HETATM 686 O  O   . HOH D 3 .  ? -7.948  6.315   9.915   0.88 34.68 ? 408 HOH A O   1 
HETATM 687 O  O   . HOH D 3 .  ? -4.303  -3.681  15.110  0.65 14.15 ? 411 HOH A O   1 
HETATM 688 O  O   . HOH D 3 .  ? 0.019   8.850   11.965  1.00 33.28 ? 416 HOH A O   1 
HETATM 689 O  O   . HOH D 3 .  ? 5.953   15.629  -4.149  0.32 7.00  ? 420 HOH A O   1 
HETATM 690 O  O   . HOH D 3 .  ? -1.831  12.046  -7.468  0.67 35.00 ? 425 HOH A O   1 
HETATM 691 O  O   . HOH D 3 .  ? -3.609  10.905  -2.359  0.88 16.58 ? 426 HOH A O   1 
HETATM 692 O  O   . HOH D 3 .  ? -6.472  0.086   16.865  0.97 34.92 ? 428 HOH A O   1 
HETATM 693 O  O   . HOH D 3 .  ? -2.258  0.597   -15.245 0.69 30.98 ? 431 HOH A O   1 
HETATM 694 O  O   . HOH D 3 .  ? 9.159   13.828  0.465   0.80 31.07 ? 433 HOH A O   1 
HETATM 695 O  O   . HOH D 3 .  ? -10.669 4.403   -10.233 0.79 29.16 ? 434 HOH A O   1 
HETATM 696 O  O   . HOH D 3 .  ? -15.662 1.261   5.750   0.67 13.79 ? 439 HOH A O   1 
HETATM 697 O  O   . HOH D 3 .  ? -4.396  14.347  2.345   0.60 22.41 ? 446 HOH A O   1 
HETATM 698 O  O   . HOH D 3 .  ? 4.546   -5.681  -7.694  1.00 27.28 ? 505 HOH A O   1 
HETATM 699 O  O   . HOH D 3 .  ? -19.916 -10.481 6.816   0.65 17.51 ? 521 HOH A O   1 
HETATM 700 O  O   . HOH D 3 .  ? 3.956   5.536   -12.690 1.00 33.07 ? 522 HOH A O   1 
HETATM 701 O  O   . HOH D 3 .  ? -8.997  -12.051 1.633   0.52 23.24 ? 527 HOH A O   1 
HETATM 702 O  O   . HOH D 3 .  ? -7.388  -9.598  12.206  0.48 24.65 ? 528 HOH A O   1 
HETATM 703 O  O   . HOH D 3 .  ? -6.751  13.881  -1.001  0.58 17.30 ? 529 HOH A O   1 
HETATM 704 O  O   . HOH D 3 .  ? 11.918  14.879  -3.746  0.54 14.11 ? 608 HOH A O   1 
HETATM 705 O  O   . HOH D 3 .  ? 11.185  10.903  0.910   0.62 14.64 ? 609 HOH A O   1 
HETATM 706 O  O   . HOH D 3 .  ? -12.197 1.219   -11.215 0.53 29.78 ? 610 HOH A O   1 
HETATM 707 O  O   . HOH D 3 .  ? 10.911  11.088  -14.153 0.42 16.65 ? 618 HOH A O   1 
HETATM 708 O  O   . HOH D 3 .  ? -5.949  -5.198  15.640  0.44 21.19 ? 625 HOH A O   1 
HETATM 709 O  O   . HOH D 3 .  ? -3.950  -13.953 -0.331  0.59 35.00 ? 631 HOH A O   1 
HETATM 710 O  O   . HOH D 3 .  ? -6.894  -1.494  14.711  0.68 28.22 ? 660 HOH A O   1 
HETATM 711 O  O   . HOH D 3 .  ? 5.109   8.319   -8.987  0.43 13.51 ? 702 HOH A O   1 
HETATM 712 O  O   . HOH D 3 .  ? -13.191 -3.269  -4.862  0.46 21.62 ? 703 HOH A O   1 
HETATM 713 O  O   . HOH D 3 .  ? -17.698 -2.902  0.421   0.51 25.65 ? 707 HOH A O   1 
HETATM 714 O  O   . HOH D 3 .  ? -1.206  -8.849  11.903  0.55 29.32 ? 708 HOH A O   1 
# 
